data_3AW8
#
_entry.id   3AW8
#
_cell.length_a   81.260
_cell.length_b   81.260
_cell.length_c   203.163
_cell.angle_alpha   90.00
_cell.angle_beta   90.00
_cell.angle_gamma   90.00
#
_symmetry.space_group_name_H-M   'P 41'
#
loop_
_entity.id
_entity.type
_entity.pdbx_description
1 polymer 'Phosphoribosylaminoimidazole carboxylase, ATPase subunit'
2 non-polymer 'ADENOSINE MONOPHOSPHATE'
3 non-polymer 'CHLORIDE ION'
4 water water
#
_entity_poly.entity_id   1
_entity_poly.type   'polypeptide(L)'
_entity_poly.pdbx_seq_one_letter_code
;MIGILGGGQLGRMLALAGYPLGLSFRFLDPSPEACAGQVGELVVGEFLDEGALLRFAEGLALVTYEFENVPVEAARRLEG
RLPLYPPAKALEVAQDRLREKTFFQGLGVPTPPFHPVDGPEDLEEGLKRVGLPALLKTRRGGYDGKGQALVRTEEEALEA
LKALGGRGLILEGFVPFDREVSLLAVRGRTGEVAFYPLVENRHWGGILRLSLAPAPGASEALQKKAEAYALRAMEALDYV
GVLALEFFQVGEELLFNEMAPRVHNSGHWTIEGAETSQFENHLRAVLGLPLGSTAPRGQSAMVNLIGEKPPFAEVLKVEG
AHLHWYGKAVRPGRKVGHITLRRDGLKALEEGLARLSRLVSELPWEGRV
;
_entity_poly.pdbx_strand_id   A,B
#
loop_
_chem_comp.id
_chem_comp.type
_chem_comp.name
_chem_comp.formula
AMP non-polymer 'ADENOSINE MONOPHOSPHATE' 'C10 H14 N5 O7 P'
CL non-polymer 'CHLORIDE ION' 'Cl -1'
#
# COMPACT_ATOMS: atom_id res chain seq x y z
N MET A 1 -17.42 -10.43 0.06
CA MET A 1 -17.27 -9.04 -0.46
C MET A 1 -17.68 -8.03 0.59
N ILE A 2 -16.78 -7.10 0.91
CA ILE A 2 -17.09 -6.08 1.88
C ILE A 2 -17.81 -4.91 1.23
N GLY A 3 -18.85 -4.44 1.90
CA GLY A 3 -19.62 -3.31 1.40
C GLY A 3 -19.33 -2.11 2.27
N ILE A 4 -19.16 -0.95 1.65
CA ILE A 4 -18.86 0.26 2.41
C ILE A 4 -19.82 1.40 2.11
N LEU A 5 -20.45 1.91 3.16
CA LEU A 5 -21.34 3.04 3.01
C LEU A 5 -20.42 4.27 2.92
N GLY A 6 -20.45 4.92 1.75
CA GLY A 6 -19.62 6.09 1.52
C GLY A 6 -18.51 5.81 0.52
N GLY A 7 -18.45 6.59 -0.55
CA GLY A 7 -17.43 6.40 -1.56
C GLY A 7 -16.30 7.41 -1.52
N GLY A 8 -16.07 8.00 -0.35
CA GLY A 8 -15.02 9.00 -0.20
C GLY A 8 -13.60 8.46 -0.17
N GLN A 9 -12.64 9.28 0.22
CA GLN A 9 -11.25 8.84 0.25
C GLN A 9 -10.98 7.80 1.34
N LEU A 10 -11.70 7.89 2.46
CA LEU A 10 -11.52 6.89 3.52
C LEU A 10 -11.89 5.51 2.97
N GLY A 11 -12.94 5.45 2.14
CA GLY A 11 -13.35 4.18 1.54
C GLY A 11 -12.34 3.73 0.48
N ARG A 12 -11.84 4.71 -0.26
CA ARG A 12 -10.84 4.43 -1.30
C ARG A 12 -9.63 3.78 -0.62
N MET A 13 -9.23 4.29 0.52
CA MET A 13 -8.08 3.73 1.20
C MET A 13 -8.34 2.39 1.86
N LEU A 14 -9.57 2.16 2.34
CA LEU A 14 -9.92 0.85 2.91
C LEU A 14 -9.76 -0.20 1.80
N ALA A 15 -10.29 0.09 0.62
CA ALA A 15 -10.19 -0.85 -0.48
C ALA A 15 -8.74 -1.13 -0.88
N LEU A 16 -7.92 -0.07 -0.98
CA LEU A 16 -6.51 -0.25 -1.36
C LEU A 16 -5.78 -1.09 -0.32
N ALA A 17 -6.17 -0.94 0.94
CA ALA A 17 -5.53 -1.73 1.99
C ALA A 17 -6.07 -3.17 2.00
N GLY A 18 -7.26 -3.37 1.45
CA GLY A 18 -7.87 -4.69 1.44
C GLY A 18 -7.52 -5.62 0.29
N TYR A 19 -7.24 -5.07 -0.89
CA TYR A 19 -6.90 -5.92 -2.03
C TYR A 19 -5.71 -6.85 -1.75
N PRO A 20 -4.69 -6.38 -1.00
CA PRO A 20 -3.56 -7.27 -0.74
C PRO A 20 -3.99 -8.48 0.07
N LEU A 21 -5.14 -8.37 0.75
CA LEU A 21 -5.66 -9.48 1.54
C LEU A 21 -6.65 -10.27 0.70
N GLY A 22 -6.67 -10.00 -0.60
CA GLY A 22 -7.55 -10.70 -1.51
C GLY A 22 -9.04 -10.44 -1.32
N LEU A 23 -9.39 -9.31 -0.72
CA LEU A 23 -10.78 -8.95 -0.50
C LEU A 23 -11.41 -8.24 -1.70
N SER A 24 -12.72 -8.02 -1.63
CA SER A 24 -13.48 -7.34 -2.68
C SER A 24 -14.30 -6.25 -2.03
N PHE A 25 -14.65 -5.23 -2.80
CA PHE A 25 -15.39 -4.12 -2.25
C PHE A 25 -16.48 -3.61 -3.14
N ARG A 26 -17.48 -2.98 -2.53
CA ARG A 26 -18.58 -2.36 -3.23
C ARG A 26 -18.92 -1.12 -2.42
N PHE A 27 -18.98 0.03 -3.07
CA PHE A 27 -19.30 1.26 -2.35
C PHE A 27 -20.68 1.76 -2.73
N LEU A 28 -21.25 2.59 -1.86
CA LEU A 28 -22.54 3.21 -2.11
C LEU A 28 -22.27 4.69 -1.84
N ASP A 29 -22.68 5.54 -2.77
CA ASP A 29 -22.49 6.98 -2.62
C ASP A 29 -23.40 7.65 -3.62
N PRO A 30 -24.01 8.78 -3.23
CA PRO A 30 -24.91 9.52 -4.12
C PRO A 30 -24.22 10.26 -5.27
N SER A 31 -22.90 10.35 -5.22
CA SER A 31 -22.18 11.04 -6.27
C SER A 31 -21.44 10.09 -7.20
N PRO A 32 -21.72 10.17 -8.50
CA PRO A 32 -21.08 9.31 -9.51
C PRO A 32 -19.58 9.50 -9.55
N GLU A 33 -19.11 10.61 -8.99
CA GLU A 33 -17.68 10.93 -8.97
C GLU A 33 -16.93 10.47 -7.72
N ALA A 34 -17.58 9.75 -6.82
CA ALA A 34 -16.91 9.30 -5.60
C ALA A 34 -15.56 8.69 -5.97
N CYS A 35 -14.50 9.20 -5.35
CA CYS A 35 -13.17 8.72 -5.67
C CYS A 35 -12.94 7.24 -5.37
N ALA A 36 -13.80 6.64 -4.54
CA ALA A 36 -13.63 5.22 -4.26
C ALA A 36 -14.00 4.44 -5.53
N GLY A 37 -14.88 5.02 -6.33
CA GLY A 37 -15.30 4.37 -7.56
C GLY A 37 -14.15 4.07 -8.50
N GLN A 38 -13.10 4.86 -8.40
CA GLN A 38 -11.93 4.66 -9.26
C GLN A 38 -11.16 3.46 -8.78
N VAL A 39 -11.64 2.84 -7.71
CA VAL A 39 -10.89 1.73 -7.15
C VAL A 39 -11.70 0.48 -6.84
N GLY A 40 -13.02 0.57 -6.96
CA GLY A 40 -13.87 -0.58 -6.71
C GLY A 40 -15.24 -0.41 -7.35
N GLU A 41 -16.16 -1.33 -7.06
CA GLU A 41 -17.51 -1.26 -7.61
C GLU A 41 -18.27 -0.19 -6.82
N LEU A 42 -18.77 0.81 -7.53
CA LEU A 42 -19.48 1.90 -6.90
C LEU A 42 -20.93 1.95 -7.36
N VAL A 43 -21.84 1.91 -6.39
CA VAL A 43 -23.26 1.97 -6.68
C VAL A 43 -23.68 3.39 -6.37
N VAL A 44 -24.18 4.10 -7.38
CA VAL A 44 -24.61 5.48 -7.18
C VAL A 44 -26.05 5.49 -6.67
N GLY A 45 -26.29 6.17 -5.56
CA GLY A 45 -27.63 6.24 -5.00
C GLY A 45 -27.65 6.93 -3.64
N GLU A 46 -28.80 7.51 -3.29
CA GLU A 46 -28.94 8.18 -1.99
C GLU A 46 -28.99 7.09 -0.92
N PHE A 47 -28.50 7.41 0.27
CA PHE A 47 -28.50 6.44 1.37
C PHE A 47 -29.91 6.13 1.86
N LEU A 48 -30.84 7.06 1.60
CA LEU A 48 -32.21 6.87 2.03
C LEU A 48 -33.09 6.32 0.92
N ASP A 49 -32.47 5.97 -0.21
CA ASP A 49 -33.18 5.37 -1.33
C ASP A 49 -33.09 3.87 -1.05
N GLU A 50 -34.13 3.34 -0.43
CA GLU A 50 -34.17 1.94 -0.04
C GLU A 50 -33.80 1.01 -1.19
N GLY A 51 -34.23 1.37 -2.41
CA GLY A 51 -33.93 0.55 -3.57
C GLY A 51 -32.44 0.39 -3.77
N ALA A 52 -31.73 1.50 -3.81
CA ALA A 52 -30.28 1.48 -4.00
C ALA A 52 -29.62 0.79 -2.82
N LEU A 53 -30.12 1.04 -1.62
CA LEU A 53 -29.57 0.44 -0.43
C LEU A 53 -29.56 -1.08 -0.52
N LEU A 54 -30.73 -1.69 -0.74
CA LEU A 54 -30.86 -3.14 -0.83
C LEU A 54 -30.13 -3.76 -2.03
N ARG A 55 -30.10 -3.03 -3.14
CA ARG A 55 -29.41 -3.49 -4.34
C ARG A 55 -27.92 -3.62 -4.02
N PHE A 56 -27.38 -2.59 -3.38
CA PHE A 56 -25.98 -2.56 -2.99
C PHE A 56 -25.64 -3.64 -1.95
N ALA A 57 -26.61 -4.01 -1.12
CA ALA A 57 -26.36 -5.00 -0.08
C ALA A 57 -26.30 -6.46 -0.53
N GLU A 58 -26.83 -6.76 -1.71
CA GLU A 58 -26.86 -8.14 -2.20
C GLU A 58 -25.51 -8.84 -2.22
N GLY A 59 -25.49 -10.06 -1.71
CA GLY A 59 -24.26 -10.84 -1.71
C GLY A 59 -23.17 -10.39 -0.76
N LEU A 60 -23.31 -9.21 -0.17
CA LEU A 60 -22.28 -8.74 0.74
C LEU A 60 -22.06 -9.68 1.92
N ALA A 61 -20.81 -9.80 2.33
CA ALA A 61 -20.48 -10.66 3.46
C ALA A 61 -20.76 -9.86 4.71
N LEU A 62 -20.43 -8.57 4.67
CA LEU A 62 -20.63 -7.67 5.80
C LEU A 62 -20.67 -6.23 5.28
N VAL A 63 -21.09 -5.30 6.13
CA VAL A 63 -21.17 -3.90 5.75
C VAL A 63 -20.59 -3.01 6.81
N THR A 64 -19.75 -2.06 6.39
CA THR A 64 -19.13 -1.10 7.31
C THR A 64 -19.34 0.27 6.65
N TYR A 65 -18.92 1.35 7.31
CA TYR A 65 -19.12 2.68 6.72
C TYR A 65 -17.92 3.60 6.91
N GLU A 66 -17.77 4.59 6.02
CA GLU A 66 -16.67 5.55 6.09
C GLU A 66 -17.16 6.98 6.15
N PHE A 67 -18.38 7.20 5.67
CA PHE A 67 -19.00 8.51 5.66
C PHE A 67 -19.60 8.69 7.07
N GLU A 68 -18.99 9.53 7.90
CA GLU A 68 -19.45 9.73 9.28
C GLU A 68 -20.86 10.25 9.50
N ASN A 69 -21.41 10.96 8.51
CA ASN A 69 -22.76 11.49 8.64
C ASN A 69 -23.77 10.64 7.89
N VAL A 70 -23.40 9.42 7.56
CA VAL A 70 -24.32 8.54 6.87
C VAL A 70 -25.56 8.40 7.74
N PRO A 71 -26.76 8.41 7.10
CA PRO A 71 -28.04 8.28 7.82
C PRO A 71 -28.04 6.98 8.61
N VAL A 72 -28.17 7.07 9.92
CA VAL A 72 -28.18 5.85 10.75
C VAL A 72 -29.33 4.93 10.32
N GLU A 73 -30.34 5.51 9.67
CA GLU A 73 -31.46 4.71 9.19
C GLU A 73 -30.98 3.67 8.17
N ALA A 74 -30.08 4.08 7.28
CA ALA A 74 -29.55 3.18 6.26
C ALA A 74 -28.70 2.07 6.89
N ALA A 75 -27.99 2.39 7.97
CA ALA A 75 -27.16 1.38 8.62
C ALA A 75 -28.04 0.36 9.35
N ARG A 76 -29.07 0.84 10.04
CA ARG A 76 -29.96 -0.06 10.78
C ARG A 76 -30.84 -0.91 9.86
N ARG A 77 -31.16 -0.38 8.69
CA ARG A 77 -31.98 -1.09 7.72
C ARG A 77 -31.28 -2.36 7.25
N LEU A 78 -29.96 -2.31 7.10
CA LEU A 78 -29.19 -3.45 6.65
C LEU A 78 -28.73 -4.34 7.80
N GLU A 79 -28.72 -3.79 9.02
CA GLU A 79 -28.27 -4.53 10.19
C GLU A 79 -28.93 -5.90 10.31
N GLY A 80 -30.22 -5.96 10.00
CA GLY A 80 -30.90 -7.23 10.09
C GLY A 80 -30.39 -8.20 9.04
N ARG A 81 -30.36 -7.74 7.80
CA ARG A 81 -29.92 -8.52 6.64
C ARG A 81 -28.50 -9.11 6.71
N LEU A 82 -27.50 -8.29 7.05
CA LEU A 82 -26.13 -8.78 7.15
C LEU A 82 -25.35 -8.18 8.33
N PRO A 83 -24.17 -8.72 8.63
CA PRO A 83 -23.37 -8.20 9.75
C PRO A 83 -23.00 -6.75 9.46
N LEU A 84 -22.94 -5.94 10.51
CA LEU A 84 -22.62 -4.53 10.37
C LEU A 84 -21.65 -4.10 11.45
N TYR A 85 -20.47 -3.64 11.07
CA TYR A 85 -19.49 -3.21 12.05
C TYR A 85 -18.89 -1.89 11.59
N PRO A 86 -18.76 -0.91 12.49
CA PRO A 86 -19.15 -0.92 13.90
C PRO A 86 -20.66 -0.95 14.04
N PRO A 87 -21.16 -1.17 15.27
CA PRO A 87 -22.60 -1.22 15.53
C PRO A 87 -23.27 0.12 15.25
N ALA A 88 -24.52 0.09 14.80
CA ALA A 88 -25.28 1.31 14.51
C ALA A 88 -25.33 2.27 15.69
N LYS A 89 -25.24 1.74 16.90
CA LYS A 89 -25.27 2.58 18.10
C LYS A 89 -24.16 3.62 18.06
N ALA A 90 -22.95 3.19 17.69
CA ALA A 90 -21.79 4.07 17.61
C ALA A 90 -22.07 5.29 16.74
N LEU A 91 -22.79 5.11 15.64
CA LEU A 91 -23.15 6.21 14.77
C LEU A 91 -24.08 7.15 15.53
N GLU A 92 -25.06 6.55 16.20
CA GLU A 92 -26.04 7.29 16.98
C GLU A 92 -25.32 8.21 17.97
N VAL A 93 -24.49 7.60 18.81
CA VAL A 93 -23.73 8.34 19.81
C VAL A 93 -22.89 9.44 19.18
N ALA A 94 -22.10 9.09 18.17
CA ALA A 94 -21.19 10.03 17.52
C ALA A 94 -21.83 11.14 16.68
N GLN A 95 -23.09 10.99 16.29
CA GLN A 95 -23.73 12.00 15.47
C GLN A 95 -24.48 13.07 16.26
N ASP A 96 -24.43 13.02 17.58
CA ASP A 96 -25.10 14.01 18.42
C ASP A 96 -24.12 14.47 19.49
N ARG A 97 -23.69 15.73 19.42
CA ARG A 97 -22.73 16.26 20.38
C ARG A 97 -23.08 16.02 21.84
N LEU A 98 -24.34 16.21 22.20
CA LEU A 98 -24.78 16.00 23.57
C LEU A 98 -24.71 14.52 23.92
N ARG A 99 -25.28 13.69 23.05
CA ARG A 99 -25.30 12.26 23.24
C ARG A 99 -23.86 11.76 23.35
N GLU A 100 -22.95 12.45 22.67
CA GLU A 100 -21.54 12.08 22.67
C GLU A 100 -20.89 12.37 24.02
N LYS A 101 -21.03 13.61 24.46
CA LYS A 101 -20.48 14.04 25.74
C LYS A 101 -21.02 13.26 26.94
N THR A 102 -22.35 13.09 26.99
CA THR A 102 -22.96 12.37 28.10
C THR A 102 -22.43 10.93 28.14
N PHE A 103 -22.34 10.31 26.98
CA PHE A 103 -21.85 8.94 26.89
C PHE A 103 -20.46 8.77 27.51
N PHE A 104 -19.52 9.63 27.10
CA PHE A 104 -18.16 9.55 27.64
C PHE A 104 -18.16 10.03 29.09
N GLN A 105 -18.96 11.04 29.38
CA GLN A 105 -19.04 11.56 30.74
C GLN A 105 -19.51 10.42 31.63
N GLY A 106 -20.35 9.54 31.08
CA GLY A 106 -20.86 8.41 31.82
C GLY A 106 -19.87 7.27 31.97
N LEU A 107 -18.83 7.26 31.14
CA LEU A 107 -17.82 6.22 31.20
C LEU A 107 -16.74 6.59 32.21
N GLY A 108 -16.78 7.83 32.66
CA GLY A 108 -15.80 8.29 33.63
C GLY A 108 -14.64 9.00 32.98
N VAL A 109 -14.84 9.51 31.78
CA VAL A 109 -13.77 10.22 31.09
C VAL A 109 -14.07 11.72 31.07
N PRO A 110 -13.06 12.54 31.43
CA PRO A 110 -13.18 14.00 31.46
C PRO A 110 -13.68 14.61 30.16
N THR A 111 -14.52 15.62 30.28
CA THR A 111 -15.06 16.33 29.12
C THR A 111 -15.22 17.79 29.54
N PRO A 112 -15.10 18.71 28.58
CA PRO A 112 -15.24 20.12 28.94
C PRO A 112 -16.60 20.34 29.59
N PRO A 113 -16.76 21.41 30.38
CA PRO A 113 -18.07 21.59 30.99
C PRO A 113 -19.06 21.85 29.85
N PHE A 114 -20.15 21.08 29.81
CA PHE A 114 -21.14 21.23 28.76
C PHE A 114 -22.55 21.21 29.33
N HIS A 115 -23.46 21.89 28.64
CA HIS A 115 -24.84 21.94 29.09
C HIS A 115 -25.79 22.06 27.91
N PRO A 116 -26.90 21.30 27.94
CA PRO A 116 -27.91 21.29 26.88
C PRO A 116 -28.64 22.64 26.79
N VAL A 117 -28.81 23.15 25.58
CA VAL A 117 -29.49 24.42 25.41
C VAL A 117 -30.56 24.40 24.33
N ASP A 118 -31.81 24.39 24.77
CA ASP A 118 -32.94 24.37 23.86
C ASP A 118 -33.68 25.70 23.92
N GLY A 119 -33.69 26.32 25.10
CA GLY A 119 -34.36 27.59 25.27
C GLY A 119 -33.50 28.65 25.94
N PRO A 120 -33.85 29.94 25.79
CA PRO A 120 -33.08 31.02 26.41
C PRO A 120 -32.88 30.78 27.90
N GLU A 121 -33.86 30.12 28.53
CA GLU A 121 -33.78 29.82 29.95
C GLU A 121 -32.71 28.76 30.20
N ASP A 122 -32.48 27.92 29.19
CA ASP A 122 -31.48 26.87 29.27
C ASP A 122 -30.11 27.52 29.11
N LEU A 123 -30.01 28.43 28.14
CA LEU A 123 -28.77 29.13 27.87
C LEU A 123 -28.22 29.73 29.14
N GLU A 124 -29.09 30.39 29.92
CA GLU A 124 -28.69 30.99 31.18
C GLU A 124 -28.56 29.88 32.21
N GLU A 125 -29.54 28.98 32.22
CA GLU A 125 -29.57 27.85 33.15
C GLU A 125 -28.19 27.20 33.30
N GLY A 126 -27.36 27.38 32.28
CA GLY A 126 -26.03 26.81 32.33
C GLY A 126 -24.94 27.74 31.85
N LEU A 127 -25.30 28.93 31.39
CA LEU A 127 -24.31 29.87 30.90
C LEU A 127 -23.30 30.23 31.98
N LYS A 128 -23.67 30.04 33.24
CA LYS A 128 -22.73 30.33 34.33
C LYS A 128 -22.20 29.03 34.93
N ARG A 129 -23.03 27.99 34.96
CA ARG A 129 -22.58 26.72 35.51
C ARG A 129 -21.61 26.06 34.52
N VAL A 130 -21.14 26.85 33.58
CA VAL A 130 -20.20 26.41 32.56
C VAL A 130 -19.00 27.36 32.51
N GLY A 131 -19.27 28.61 32.15
CA GLY A 131 -18.20 29.59 32.09
C GLY A 131 -18.34 30.60 30.97
N LEU A 132 -17.23 31.27 30.66
CA LEU A 132 -17.19 32.26 29.60
C LEU A 132 -15.76 32.79 29.45
N PRO A 133 -15.28 32.89 28.21
CA PRO A 133 -15.98 32.54 26.97
C PRO A 133 -16.37 31.07 26.89
N ALA A 134 -17.04 30.70 25.80
CA ALA A 134 -17.47 29.32 25.61
C ALA A 134 -17.99 29.16 24.19
N LEU A 135 -18.34 27.92 23.83
CA LEU A 135 -18.87 27.65 22.50
C LEU A 135 -20.30 27.17 22.54
N LEU A 136 -21.04 27.55 21.51
CA LEU A 136 -22.42 27.16 21.37
C LEU A 136 -22.49 26.53 19.99
N LYS A 137 -22.80 25.24 19.94
CA LYS A 137 -22.87 24.55 18.65
C LYS A 137 -24.07 23.61 18.49
N THR A 138 -24.51 23.48 17.25
CA THR A 138 -25.63 22.62 16.93
C THR A 138 -25.25 21.19 17.34
N ARG A 139 -26.15 20.50 18.02
CA ARG A 139 -25.88 19.14 18.47
C ARG A 139 -25.70 18.18 17.29
N ARG A 140 -26.21 18.59 16.13
CA ARG A 140 -26.13 17.79 14.92
C ARG A 140 -25.29 18.49 13.85
N GLY A 147 -23.02 26.21 11.95
CA GLY A 147 -22.89 24.98 12.71
C GLY A 147 -22.50 25.21 14.16
N GLN A 148 -21.55 26.10 14.37
CA GLN A 148 -21.08 26.43 15.72
C GLN A 148 -20.56 27.86 15.78
N ALA A 149 -20.40 28.38 16.99
CA ALA A 149 -19.91 29.74 17.16
C ALA A 149 -19.39 30.00 18.56
N LEU A 150 -18.17 30.53 18.63
CA LEU A 150 -17.54 30.85 19.89
C LEU A 150 -18.18 32.14 20.40
N VAL A 151 -18.38 32.23 21.71
CA VAL A 151 -18.99 33.42 22.26
C VAL A 151 -18.30 33.90 23.52
N ARG A 152 -18.00 35.20 23.57
CA ARG A 152 -17.34 35.81 24.72
C ARG A 152 -18.31 36.64 25.55
N THR A 153 -19.02 37.54 24.88
CA THR A 153 -19.98 38.42 25.55
C THR A 153 -21.16 37.69 26.15
N GLU A 154 -21.47 38.00 27.40
CA GLU A 154 -22.59 37.39 28.10
C GLU A 154 -23.86 37.59 27.27
N GLU A 155 -23.85 38.61 26.43
CA GLU A 155 -24.99 38.92 25.58
C GLU A 155 -24.81 38.33 24.18
N GLU A 156 -23.56 38.26 23.73
CA GLU A 156 -23.23 37.70 22.41
C GLU A 156 -23.66 36.23 22.37
N ALA A 157 -23.90 35.67 23.55
CA ALA A 157 -24.34 34.28 23.71
C ALA A 157 -25.82 34.18 23.37
N LEU A 158 -26.65 34.91 24.10
CA LEU A 158 -28.08 34.89 23.86
C LEU A 158 -28.32 35.36 22.43
N GLU A 159 -27.32 36.00 21.85
CA GLU A 159 -27.40 36.49 20.48
C GLU A 159 -26.96 35.35 19.59
N ALA A 160 -26.12 34.48 20.13
CA ALA A 160 -25.59 33.34 19.40
C ALA A 160 -26.69 32.36 18.98
N LEU A 161 -27.45 31.85 19.95
CA LEU A 161 -28.52 30.91 19.63
C LEU A 161 -29.41 31.49 18.53
N LYS A 162 -29.68 32.79 18.62
CA LYS A 162 -30.51 33.46 17.62
C LYS A 162 -29.85 33.24 16.26
N ALA A 163 -30.65 33.22 15.20
CA ALA A 163 -30.15 33.02 13.85
C ALA A 163 -29.09 31.92 13.78
N LEU A 164 -29.28 30.89 14.59
CA LEU A 164 -28.37 29.74 14.64
C LEU A 164 -29.26 28.52 14.84
N GLY A 165 -30.48 28.77 15.27
CA GLY A 165 -31.44 27.71 15.52
C GLY A 165 -32.33 28.04 16.70
N GLY A 166 -31.73 28.23 17.86
CA GLY A 166 -32.50 28.55 19.05
C GLY A 166 -32.90 27.30 19.81
N ARG A 167 -32.53 26.14 19.26
CA ARG A 167 -32.85 24.86 19.88
C ARG A 167 -31.95 23.75 19.34
N GLY A 168 -31.86 22.66 20.09
CA GLY A 168 -31.03 21.54 19.67
C GLY A 168 -29.57 21.92 19.60
N LEU A 169 -29.14 22.77 20.53
CA LEU A 169 -27.77 23.24 20.58
C LEU A 169 -27.12 22.82 21.88
N ILE A 170 -25.80 22.92 21.94
CA ILE A 170 -25.05 22.55 23.13
C ILE A 170 -24.07 23.65 23.52
N LEU A 171 -23.93 23.88 24.83
CA LEU A 171 -23.03 24.91 25.33
C LEU A 171 -21.81 24.23 25.93
N GLU A 172 -20.65 24.53 25.37
CA GLU A 172 -19.40 23.95 25.83
C GLU A 172 -18.48 25.03 26.37
N GLY A 173 -17.88 24.77 27.52
CA GLY A 173 -16.98 25.75 28.11
C GLY A 173 -15.64 25.75 27.41
N PHE A 174 -15.32 26.87 26.75
CA PHE A 174 -14.05 27.02 26.04
C PHE A 174 -12.93 26.43 26.90
N VAL A 175 -12.01 25.70 26.27
CA VAL A 175 -10.92 25.11 27.02
C VAL A 175 -9.56 25.52 26.44
N PRO A 176 -8.69 26.08 27.29
CA PRO A 176 -7.36 26.51 26.86
C PRO A 176 -6.43 25.29 26.90
N PHE A 177 -6.33 24.60 25.75
CA PHE A 177 -5.51 23.41 25.68
C PHE A 177 -4.08 23.66 25.20
N ASP A 178 -3.17 22.81 25.66
CA ASP A 178 -1.76 22.88 25.29
C ASP A 178 -1.72 22.48 23.82
N ARG A 179 -2.50 21.45 23.50
CA ARG A 179 -2.60 20.94 22.14
C ARG A 179 -3.77 19.99 22.01
N GLU A 180 -4.04 19.57 20.79
CA GLU A 180 -5.11 18.64 20.51
C GLU A 180 -4.43 17.33 20.12
N VAL A 181 -4.96 16.22 20.61
CA VAL A 181 -4.39 14.93 20.29
C VAL A 181 -5.52 13.95 20.03
N SER A 182 -5.19 12.81 19.43
CA SER A 182 -6.23 11.81 19.16
C SER A 182 -5.62 10.44 19.31
N LEU A 183 -6.45 9.47 19.64
CA LEU A 183 -5.98 8.11 19.81
C LEU A 183 -6.80 7.17 18.95
N LEU A 184 -6.16 6.54 17.98
CA LEU A 184 -6.88 5.61 17.12
C LEU A 184 -6.81 4.26 17.84
N ALA A 185 -7.97 3.65 18.05
CA ALA A 185 -8.02 2.35 18.73
C ALA A 185 -8.79 1.38 17.87
N VAL A 186 -8.57 0.09 18.08
CA VAL A 186 -9.26 -0.91 17.30
C VAL A 186 -9.62 -2.14 18.12
N ARG A 187 -10.80 -2.69 17.85
CA ARG A 187 -11.28 -3.87 18.54
C ARG A 187 -11.84 -4.83 17.52
N GLY A 188 -11.25 -6.02 17.46
CA GLY A 188 -11.70 -7.04 16.53
C GLY A 188 -13.04 -7.64 16.89
N ARG A 189 -13.58 -8.44 15.97
CA ARG A 189 -14.87 -9.08 16.17
C ARG A 189 -14.71 -10.11 17.28
N THR A 190 -13.48 -10.57 17.45
CA THR A 190 -13.15 -11.57 18.45
C THR A 190 -13.09 -11.01 19.87
N GLY A 191 -12.85 -9.71 19.97
CA GLY A 191 -12.77 -9.08 21.27
C GLY A 191 -11.37 -8.53 21.49
N GLU A 192 -10.42 -8.98 20.69
CA GLU A 192 -9.04 -8.50 20.81
C GLU A 192 -9.02 -7.00 20.57
N VAL A 193 -8.03 -6.31 21.12
CA VAL A 193 -7.93 -4.87 20.94
C VAL A 193 -6.49 -4.46 20.65
N ALA A 194 -6.31 -3.20 20.27
CA ALA A 194 -5.00 -2.66 19.94
C ALA A 194 -5.08 -1.14 19.97
N PHE A 195 -3.95 -0.48 20.20
CA PHE A 195 -3.93 0.99 20.27
C PHE A 195 -2.72 1.57 19.55
N TYR A 196 -2.93 2.69 18.85
CA TYR A 196 -1.86 3.36 18.12
C TYR A 196 -1.28 4.42 19.02
N PRO A 197 -0.05 4.87 18.73
CA PRO A 197 0.52 5.91 19.59
C PRO A 197 -0.41 7.12 19.52
N LEU A 198 -0.41 7.95 20.55
CA LEU A 198 -1.24 9.14 20.53
C LEU A 198 -0.72 9.94 19.35
N VAL A 199 -1.52 10.86 18.84
CA VAL A 199 -1.10 11.66 17.71
C VAL A 199 -1.45 13.11 17.99
N GLU A 200 -0.56 14.03 17.63
CA GLU A 200 -0.83 15.44 17.84
C GLU A 200 -1.40 16.02 16.56
N ASN A 201 -2.59 16.59 16.66
CA ASN A 201 -3.26 17.15 15.48
C ASN A 201 -3.37 18.66 15.56
N ARG A 202 -3.09 19.34 14.46
CA ARG A 202 -3.17 20.79 14.42
C ARG A 202 -4.20 21.21 13.40
N HIS A 203 -5.16 22.00 13.85
CA HIS A 203 -6.22 22.46 12.97
C HIS A 203 -6.02 23.93 12.67
N TRP A 204 -6.58 24.36 11.54
CA TRP A 204 -6.51 25.74 11.13
C TRP A 204 -7.65 25.97 10.17
N GLY A 205 -8.51 26.93 10.51
CA GLY A 205 -9.65 27.23 9.66
C GLY A 205 -10.71 26.16 9.78
N GLY A 206 -10.65 25.42 10.90
CA GLY A 206 -11.60 24.37 11.15
C GLY A 206 -11.30 23.11 10.36
N ILE A 207 -10.07 22.99 9.85
CA ILE A 207 -9.67 21.81 9.09
C ILE A 207 -8.35 21.25 9.59
N LEU A 208 -8.26 19.94 9.76
CA LEU A 208 -7.02 19.31 10.22
C LEU A 208 -5.96 19.64 9.16
N ARG A 209 -4.83 20.19 9.61
CA ARG A 209 -3.76 20.57 8.69
C ARG A 209 -2.53 19.71 8.85
N LEU A 210 -2.22 19.31 10.08
CA LEU A 210 -1.03 18.52 10.31
C LEU A 210 -1.16 17.56 11.48
N SER A 211 -0.58 16.37 11.33
CA SER A 211 -0.61 15.36 12.39
C SER A 211 0.80 14.86 12.69
N LEU A 212 1.20 14.90 13.96
CA LEU A 212 2.52 14.45 14.36
C LEU A 212 2.41 13.17 15.17
N ALA A 213 3.04 12.11 14.67
CA ALA A 213 2.99 10.82 15.36
C ALA A 213 4.38 10.20 15.48
N PRO A 214 4.71 9.66 16.67
CA PRO A 214 3.83 9.65 17.85
C PRO A 214 3.70 11.08 18.37
N ALA A 215 2.72 11.33 19.23
CA ALA A 215 2.57 12.68 19.77
C ALA A 215 3.90 13.09 20.42
N PRO A 216 4.53 14.15 19.90
CA PRO A 216 5.81 14.64 20.42
C PRO A 216 5.80 14.82 21.94
N GLY A 217 6.61 14.03 22.63
CA GLY A 217 6.72 14.14 24.08
C GLY A 217 5.72 13.33 24.88
N ALA A 218 4.61 12.96 24.26
CA ALA A 218 3.57 12.19 24.91
C ALA A 218 4.10 11.36 26.08
N SER A 219 3.51 11.57 27.25
CA SER A 219 3.89 10.82 28.45
C SER A 219 3.65 9.34 28.24
N GLU A 220 4.27 8.50 29.07
CA GLU A 220 4.09 7.07 28.97
C GLU A 220 2.75 6.78 29.67
N ALA A 221 2.44 7.58 30.68
CA ALA A 221 1.19 7.41 31.41
C ALA A 221 0.06 8.02 30.58
N LEU A 222 0.39 9.06 29.81
CA LEU A 222 -0.60 9.72 28.97
C LEU A 222 -1.16 8.67 28.02
N GLN A 223 -0.28 7.84 27.47
CA GLN A 223 -0.70 6.78 26.54
C GLN A 223 -1.71 5.86 27.20
N LYS A 224 -1.34 5.27 28.33
CA LYS A 224 -2.22 4.36 29.04
C LYS A 224 -3.54 5.04 29.38
N LYS A 225 -3.46 6.33 29.70
CA LYS A 225 -4.63 7.13 30.04
C LYS A 225 -5.62 7.09 28.87
N ALA A 226 -5.14 7.50 27.69
CA ALA A 226 -5.96 7.52 26.48
C ALA A 226 -6.46 6.13 26.14
N GLU A 227 -5.57 5.14 26.19
CA GLU A 227 -5.95 3.78 25.88
C GLU A 227 -7.04 3.27 26.82
N ALA A 228 -6.95 3.67 28.09
CA ALA A 228 -7.91 3.26 29.10
C ALA A 228 -9.29 3.82 28.75
N TYR A 229 -9.35 5.11 28.44
CA TYR A 229 -10.62 5.72 28.07
C TYR A 229 -11.16 5.02 26.83
N ALA A 230 -10.28 4.73 25.89
CA ALA A 230 -10.66 4.07 24.64
C ALA A 230 -11.23 2.68 24.85
N LEU A 231 -10.63 1.93 25.77
CA LEU A 231 -11.08 0.57 26.05
C LEU A 231 -12.50 0.62 26.61
N ARG A 232 -12.74 1.58 27.49
CA ARG A 232 -14.05 1.72 28.09
C ARG A 232 -15.11 1.99 27.03
N ALA A 233 -14.81 2.93 26.13
CA ALA A 233 -15.74 3.27 25.07
C ALA A 233 -16.04 2.10 24.14
N MET A 234 -15.00 1.43 23.65
CA MET A 234 -15.19 0.31 22.73
C MET A 234 -16.01 -0.84 23.33
N GLU A 235 -15.72 -1.22 24.57
CA GLU A 235 -16.44 -2.31 25.22
C GLU A 235 -17.87 -1.91 25.56
N ALA A 236 -18.05 -0.64 25.91
CA ALA A 236 -19.38 -0.15 26.24
C ALA A 236 -20.28 -0.23 25.00
N LEU A 237 -19.70 -0.05 23.82
CA LEU A 237 -20.46 -0.08 22.57
C LEU A 237 -20.36 -1.39 21.80
N ASP A 238 -19.57 -2.34 22.31
CA ASP A 238 -19.38 -3.60 21.60
C ASP A 238 -18.82 -3.24 20.24
N TYR A 239 -17.87 -2.30 20.26
CA TYR A 239 -17.24 -1.78 19.08
C TYR A 239 -16.42 -2.82 18.33
N VAL A 240 -16.52 -2.79 17.01
CA VAL A 240 -15.77 -3.69 16.15
C VAL A 240 -15.25 -2.82 15.03
N GLY A 241 -13.92 -2.78 14.91
CA GLY A 241 -13.30 -1.97 13.88
C GLY A 241 -12.42 -0.91 14.50
N VAL A 242 -12.20 0.16 13.77
CA VAL A 242 -11.36 1.24 14.27
C VAL A 242 -12.20 2.39 14.80
N LEU A 243 -11.82 2.87 15.97
CA LEU A 243 -12.50 3.96 16.64
C LEU A 243 -11.50 5.10 16.83
N ALA A 244 -11.90 6.32 16.53
CA ALA A 244 -11.02 7.47 16.67
C ALA A 244 -11.53 8.42 17.75
N LEU A 245 -10.71 8.60 18.79
CA LEU A 245 -11.05 9.46 19.90
C LEU A 245 -10.15 10.69 19.92
N GLU A 246 -10.77 11.86 19.90
CA GLU A 246 -10.05 13.12 19.94
C GLU A 246 -10.16 13.77 21.31
N PHE A 247 -9.02 14.16 21.88
CA PHE A 247 -9.02 14.81 23.19
C PHE A 247 -8.32 16.17 23.15
N PHE A 248 -8.50 16.93 24.21
CA PHE A 248 -7.84 18.22 24.38
C PHE A 248 -6.82 17.90 25.46
N GLN A 249 -5.56 18.33 25.27
CA GLN A 249 -4.56 18.07 26.30
C GLN A 249 -4.28 19.34 27.08
N VAL A 250 -4.65 19.35 28.35
CA VAL A 250 -4.42 20.49 29.22
C VAL A 250 -3.53 19.95 30.34
N GLY A 251 -2.26 20.34 30.31
CA GLY A 251 -1.32 19.86 31.30
C GLY A 251 -1.05 18.38 31.08
N GLU A 252 -1.63 17.55 31.94
CA GLU A 252 -1.48 16.10 31.85
C GLU A 252 -2.87 15.50 31.89
N GLU A 253 -3.84 16.31 31.53
CA GLU A 253 -5.23 15.87 31.50
C GLU A 253 -5.75 15.77 30.07
N LEU A 254 -6.64 14.81 29.86
CA LEU A 254 -7.26 14.57 28.57
C LEU A 254 -8.77 14.78 28.70
N LEU A 255 -9.31 15.68 27.89
CA LEU A 255 -10.74 15.95 27.88
C LEU A 255 -11.34 15.50 26.54
N PHE A 256 -12.24 14.52 26.58
CA PHE A 256 -12.86 14.02 25.37
C PHE A 256 -13.51 15.15 24.57
N ASN A 257 -13.18 15.25 23.30
CA ASN A 257 -13.74 16.27 22.43
C ASN A 257 -14.71 15.66 21.40
N GLU A 258 -14.21 14.74 20.59
CA GLU A 258 -15.01 14.08 19.55
C GLU A 258 -14.65 12.62 19.34
N MET A 259 -15.61 11.86 18.84
CA MET A 259 -15.40 10.46 18.52
C MET A 259 -15.93 10.22 17.11
N ALA A 260 -15.22 9.38 16.36
CA ALA A 260 -15.64 9.05 14.99
C ALA A 260 -15.60 7.53 14.88
N PRO A 261 -16.75 6.91 14.55
CA PRO A 261 -16.79 5.44 14.44
C PRO A 261 -16.19 4.95 13.13
N ARG A 262 -14.89 5.23 12.94
CA ARG A 262 -14.25 4.85 11.68
C ARG A 262 -12.78 5.27 11.61
N VAL A 263 -12.12 4.85 10.55
CA VAL A 263 -10.75 5.24 10.32
C VAL A 263 -10.84 6.75 10.29
N HIS A 264 -9.77 7.41 10.72
CA HIS A 264 -9.77 8.85 10.83
C HIS A 264 -8.59 9.50 10.12
N ASN A 265 -8.80 10.76 9.72
CA ASN A 265 -7.82 11.57 9.01
C ASN A 265 -6.51 11.68 9.78
N SER A 266 -6.61 11.78 11.11
CA SER A 266 -5.42 11.90 11.94
C SER A 266 -4.63 10.60 12.01
N GLY A 267 -5.01 9.61 11.19
CA GLY A 267 -4.30 8.34 11.20
C GLY A 267 -3.75 7.89 9.86
N HIS A 268 -3.87 8.74 8.84
CA HIS A 268 -3.38 8.36 7.52
C HIS A 268 -1.90 8.08 7.53
N TRP A 269 -1.19 8.58 8.54
CA TRP A 269 0.26 8.34 8.63
C TRP A 269 0.58 6.87 8.88
N THR A 270 -0.40 6.09 9.32
CA THR A 270 -0.17 4.68 9.61
C THR A 270 0.04 3.82 8.37
N ILE A 271 -0.24 4.37 7.20
CA ILE A 271 -0.06 3.60 5.97
C ILE A 271 1.42 3.21 5.81
N GLU A 272 2.33 4.14 6.10
CA GLU A 272 3.76 3.84 6.02
C GLU A 272 4.47 4.03 7.35
N GLY A 273 3.89 4.82 8.25
CA GLY A 273 4.50 5.08 9.55
C GLY A 273 4.18 4.13 10.71
N ALA A 274 3.38 3.09 10.47
CA ALA A 274 3.05 2.13 11.52
C ALA A 274 3.14 0.74 10.89
N GLU A 275 3.37 -0.28 11.69
CA GLU A 275 3.51 -1.62 11.14
C GLU A 275 2.26 -2.10 10.42
N THR A 276 1.12 -1.58 10.82
CA THR A 276 -0.16 -1.95 10.22
C THR A 276 -0.98 -0.69 10.12
N SER A 277 -1.51 -0.42 8.93
CA SER A 277 -2.31 0.78 8.74
C SER A 277 -3.64 0.64 9.44
N GLN A 278 -4.24 1.79 9.75
CA GLN A 278 -5.52 1.79 10.41
C GLN A 278 -6.53 1.14 9.44
N PHE A 279 -6.33 1.33 8.14
CA PHE A 279 -7.25 0.75 7.16
C PHE A 279 -7.16 -0.77 7.18
N GLU A 280 -5.95 -1.32 7.19
CA GLU A 280 -5.84 -2.76 7.22
C GLU A 280 -6.42 -3.31 8.54
N ASN A 281 -6.10 -2.65 9.64
CA ASN A 281 -6.60 -3.11 10.94
C ASN A 281 -8.13 -3.06 11.05
N HIS A 282 -8.73 -2.02 10.47
CA HIS A 282 -10.17 -1.91 10.52
C HIS A 282 -10.73 -3.13 9.82
N LEU A 283 -10.14 -3.46 8.68
CA LEU A 283 -10.55 -4.59 7.88
C LEU A 283 -10.35 -5.89 8.65
N ARG A 284 -9.20 -6.03 9.29
CA ARG A 284 -8.91 -7.24 10.05
C ARG A 284 -9.92 -7.39 11.19
N ALA A 285 -10.21 -6.27 11.85
CA ALA A 285 -11.17 -6.26 12.94
C ALA A 285 -12.55 -6.76 12.51
N VAL A 286 -13.19 -6.05 11.59
CA VAL A 286 -14.53 -6.42 11.16
C VAL A 286 -14.59 -7.79 10.51
N LEU A 287 -13.42 -8.34 10.16
CA LEU A 287 -13.38 -9.64 9.51
C LEU A 287 -13.15 -10.78 10.50
N GLY A 288 -12.77 -10.43 11.72
CA GLY A 288 -12.53 -11.44 12.74
C GLY A 288 -11.14 -12.03 12.64
N LEU A 289 -10.24 -11.33 11.96
CA LEU A 289 -8.88 -11.80 11.82
C LEU A 289 -8.03 -11.18 12.92
N PRO A 290 -6.87 -11.80 13.22
CA PRO A 290 -5.98 -11.28 14.25
C PRO A 290 -5.58 -9.85 13.87
N LEU A 291 -5.59 -8.94 14.84
CA LEU A 291 -5.21 -7.57 14.57
C LEU A 291 -3.72 -7.49 14.34
N GLY A 292 -3.28 -6.52 13.55
CA GLY A 292 -1.87 -6.38 13.28
C GLY A 292 -1.22 -5.41 14.24
N SER A 293 0.08 -5.51 14.36
CA SER A 293 0.85 -4.65 15.25
C SER A 293 0.64 -3.17 14.91
N THR A 294 0.56 -2.35 15.95
CA THR A 294 0.38 -0.91 15.78
C THR A 294 1.67 -0.15 16.05
N ALA A 295 2.77 -0.89 16.24
CA ALA A 295 4.05 -0.25 16.51
C ALA A 295 4.43 0.75 15.42
N PRO A 296 4.91 1.93 15.81
CA PRO A 296 5.30 2.95 14.84
C PRO A 296 6.66 2.70 14.19
N ARG A 297 6.80 3.15 12.95
CA ARG A 297 8.04 3.02 12.21
C ARG A 297 8.64 4.42 12.21
N GLY A 298 9.52 4.68 13.18
CA GLY A 298 10.14 5.98 13.26
C GLY A 298 9.17 7.07 13.63
N GLN A 299 9.22 8.18 12.90
CA GLN A 299 8.35 9.32 13.14
C GLN A 299 7.66 9.80 11.87
N SER A 300 6.41 10.21 12.02
CA SER A 300 5.66 10.67 10.86
C SER A 300 5.02 12.03 11.05
N ALA A 301 4.83 12.70 9.93
CA ALA A 301 4.20 14.00 9.90
C ALA A 301 3.19 13.84 8.76
N MET A 302 1.92 14.05 9.08
CA MET A 302 0.85 13.92 8.11
C MET A 302 0.38 15.32 7.73
N VAL A 303 0.58 15.73 6.48
CA VAL A 303 0.10 17.05 6.10
C VAL A 303 -1.01 16.93 5.06
N ASN A 304 -2.19 17.44 5.40
CA ASN A 304 -3.32 17.40 4.49
C ASN A 304 -3.14 18.33 3.30
N LEU A 305 -3.73 17.92 2.18
CA LEU A 305 -3.72 18.70 0.94
C LEU A 305 -5.15 19.22 0.81
N ILE A 306 -5.34 20.49 1.14
CA ILE A 306 -6.66 21.11 1.09
C ILE A 306 -6.82 22.05 -0.09
N GLY A 307 -7.89 21.85 -0.86
CA GLY A 307 -8.20 22.69 -2.00
C GLY A 307 -7.12 23.11 -3.00
N GLU A 308 -6.02 22.38 -3.07
CA GLU A 308 -4.96 22.73 -4.00
C GLU A 308 -4.18 21.47 -4.36
N LYS A 309 -3.55 21.47 -5.53
CA LYS A 309 -2.76 20.32 -5.96
C LYS A 309 -1.28 20.71 -6.04
N PRO A 310 -0.48 20.33 -5.05
CA PRO A 310 0.94 20.68 -5.07
C PRO A 310 1.61 20.05 -6.28
N PRO A 311 2.80 20.55 -6.67
CA PRO A 311 3.54 20.00 -7.82
C PRO A 311 4.17 18.66 -7.42
N PHE A 312 3.63 17.56 -7.96
CA PHE A 312 4.12 16.21 -7.62
C PHE A 312 5.62 16.01 -7.67
N ALA A 313 6.25 16.50 -8.72
CA ALA A 313 7.69 16.34 -8.84
C ALA A 313 8.37 16.99 -7.63
N GLU A 314 7.84 18.11 -7.19
CA GLU A 314 8.42 18.82 -6.06
C GLU A 314 8.26 18.12 -4.71
N VAL A 315 7.15 17.43 -4.49
CA VAL A 315 6.96 16.74 -3.22
C VAL A 315 7.73 15.41 -3.26
N LEU A 316 7.82 14.82 -4.45
CA LEU A 316 8.53 13.55 -4.59
C LEU A 316 10.05 13.73 -4.48
N LYS A 317 10.55 14.95 -4.58
CA LYS A 317 11.99 15.21 -4.46
C LYS A 317 12.41 15.07 -3.01
N VAL A 318 11.44 15.17 -2.09
CA VAL A 318 11.71 15.05 -0.66
C VAL A 318 11.67 13.56 -0.32
N GLU A 319 12.73 13.04 0.28
CA GLU A 319 12.74 11.63 0.61
C GLU A 319 12.00 11.40 1.91
N GLY A 320 11.40 10.22 2.02
CA GLY A 320 10.63 9.90 3.20
C GLY A 320 9.24 10.48 3.03
N ALA A 321 9.05 11.17 1.93
CA ALA A 321 7.77 11.79 1.62
C ALA A 321 6.92 10.82 0.80
N HIS A 322 5.71 10.51 1.28
CA HIS A 322 4.82 9.62 0.58
C HIS A 322 3.55 10.36 0.17
N LEU A 323 3.42 10.59 -1.13
CA LEU A 323 2.27 11.32 -1.65
C LEU A 323 1.02 10.42 -1.79
N HIS A 324 -0.14 11.02 -1.53
CA HIS A 324 -1.41 10.31 -1.64
C HIS A 324 -2.41 11.27 -2.26
N TRP A 325 -2.70 11.09 -3.53
CA TRP A 325 -3.67 11.94 -4.22
C TRP A 325 -4.97 11.13 -4.26
N TYR A 326 -6.06 11.69 -3.77
CA TYR A 326 -7.31 10.95 -3.74
C TYR A 326 -8.07 10.78 -5.04
N GLY A 327 -7.68 11.53 -6.07
CA GLY A 327 -8.37 11.43 -7.35
C GLY A 327 -9.62 12.27 -7.43
N LYS A 328 -9.84 13.10 -6.41
CA LYS A 328 -11.00 13.98 -6.37
C LYS A 328 -10.67 15.28 -7.10
N ALA A 329 -11.68 15.95 -7.64
CA ALA A 329 -11.48 17.21 -8.35
C ALA A 329 -11.19 18.28 -7.31
N VAL A 330 -10.17 19.09 -7.57
CA VAL A 330 -9.79 20.14 -6.64
C VAL A 330 -10.85 21.24 -6.55
N ARG A 331 -11.14 21.67 -5.32
CA ARG A 331 -12.11 22.72 -5.06
C ARG A 331 -11.78 23.28 -3.69
N PRO A 332 -12.15 24.55 -3.44
CA PRO A 332 -11.90 25.24 -2.17
C PRO A 332 -12.25 24.44 -0.92
N GLY A 333 -11.31 24.39 0.02
CA GLY A 333 -11.50 23.68 1.28
C GLY A 333 -11.72 22.17 1.20
N ARG A 334 -11.59 21.60 0.01
CA ARG A 334 -11.80 20.17 -0.17
C ARG A 334 -10.55 19.34 0.10
N LYS A 335 -10.71 18.21 0.78
CA LYS A 335 -9.57 17.34 1.05
C LYS A 335 -9.32 16.58 -0.25
N VAL A 336 -8.16 16.85 -0.87
CA VAL A 336 -7.84 16.21 -2.14
C VAL A 336 -6.65 15.28 -2.07
N GLY A 337 -6.06 15.15 -0.90
CA GLY A 337 -4.94 14.24 -0.74
C GLY A 337 -4.22 14.50 0.57
N HIS A 338 -3.08 13.87 0.74
CA HIS A 338 -2.27 14.10 1.91
C HIS A 338 -0.83 13.62 1.62
N ILE A 339 0.09 13.99 2.48
CA ILE A 339 1.49 13.60 2.33
C ILE A 339 2.02 13.10 3.67
N THR A 340 2.53 11.90 3.70
CA THR A 340 3.10 11.39 4.93
C THR A 340 4.60 11.34 4.83
N LEU A 341 5.26 12.05 5.74
CA LEU A 341 6.72 12.11 5.81
C LEU A 341 7.14 11.21 6.94
N ARG A 342 7.87 10.15 6.62
CA ARG A 342 8.33 9.22 7.63
C ARG A 342 9.85 9.18 7.67
N ARG A 343 10.42 9.77 8.70
CA ARG A 343 11.87 9.78 8.88
C ARG A 343 12.16 8.98 10.15
N ASP A 344 13.44 8.76 10.47
CA ASP A 344 13.77 8.00 11.66
C ASP A 344 14.43 8.82 12.77
N GLY A 345 14.36 10.14 12.63
CA GLY A 345 14.93 11.03 13.62
C GLY A 345 14.19 12.35 13.57
N LEU A 346 13.81 12.87 14.74
CA LEU A 346 13.07 14.12 14.81
C LEU A 346 13.71 15.25 14.01
N LYS A 347 15.04 15.28 13.97
CA LYS A 347 15.74 16.31 13.22
C LYS A 347 15.46 16.18 11.73
N ALA A 348 15.66 14.98 11.20
CA ALA A 348 15.41 14.73 9.79
C ALA A 348 13.96 15.05 9.47
N LEU A 349 13.06 14.56 10.32
CA LEU A 349 11.63 14.79 10.14
C LEU A 349 11.38 16.29 10.04
N GLU A 350 11.86 17.01 11.03
CA GLU A 350 11.69 18.45 11.09
C GLU A 350 12.29 19.18 9.89
N GLU A 351 13.26 18.54 9.23
CA GLU A 351 13.93 19.15 8.09
C GLU A 351 13.12 18.93 6.81
N GLY A 352 12.50 17.77 6.70
CA GLY A 352 11.69 17.47 5.53
C GLY A 352 10.40 18.27 5.59
N LEU A 353 9.83 18.36 6.80
CA LEU A 353 8.60 19.11 7.02
C LEU A 353 8.80 20.55 6.54
N ALA A 354 10.03 21.05 6.70
CA ALA A 354 10.38 22.41 6.29
C ALA A 354 10.26 22.51 4.76
N ARG A 355 10.74 21.47 4.08
CA ARG A 355 10.70 21.41 2.62
C ARG A 355 9.28 21.37 2.09
N LEU A 356 8.44 20.57 2.74
CA LEU A 356 7.04 20.44 2.32
C LEU A 356 6.19 21.66 2.66
N SER A 357 6.45 22.32 3.79
CA SER A 357 5.64 23.48 4.16
C SER A 357 5.68 24.57 3.08
N ARG A 358 6.73 24.56 2.26
CA ARG A 358 6.88 25.55 1.21
C ARG A 358 6.04 25.16 0.00
N LEU A 359 5.45 23.97 0.06
CA LEU A 359 4.63 23.47 -1.03
C LEU A 359 3.14 23.50 -0.72
N VAL A 360 2.79 23.61 0.56
CA VAL A 360 1.40 23.63 0.99
C VAL A 360 1.04 24.94 1.70
N SER A 361 -0.10 25.52 1.34
CA SER A 361 -0.55 26.76 1.96
C SER A 361 -1.33 26.46 3.24
N GLU A 362 -1.72 27.51 3.96
CA GLU A 362 -2.46 27.37 5.21
C GLU A 362 -1.96 26.26 6.13
N LEU A 363 -0.65 26.03 6.15
CA LEU A 363 -0.11 25.00 7.02
C LEU A 363 0.55 25.70 8.22
N PRO A 364 -0.07 25.59 9.41
CA PRO A 364 0.43 26.21 10.65
C PRO A 364 1.59 25.48 11.30
N TRP A 365 2.79 25.67 10.76
CA TRP A 365 3.95 25.03 11.33
C TRP A 365 5.19 25.90 11.24
N GLU A 366 6.07 25.76 12.23
CA GLU A 366 7.31 26.52 12.26
C GLU A 366 8.47 25.61 12.66
N MET B 1 -3.56 8.18 -18.16
CA MET B 1 -3.83 6.76 -17.85
C MET B 1 -2.70 5.85 -18.34
N ILE B 2 -2.16 5.07 -17.43
CA ILE B 2 -1.08 4.16 -17.75
C ILE B 2 -1.67 2.82 -18.21
N GLY B 3 -1.16 2.30 -19.31
CA GLY B 3 -1.64 1.04 -19.84
C GLY B 3 -0.58 -0.01 -19.58
N ILE B 4 -1.01 -1.20 -19.18
CA ILE B 4 -0.08 -2.27 -18.87
C ILE B 4 -0.41 -3.55 -19.63
N LEU B 5 0.56 -4.06 -20.38
CA LEU B 5 0.38 -5.31 -21.11
C LEU B 5 0.57 -6.42 -20.07
N GLY B 6 -0.45 -7.25 -19.90
CA GLY B 6 -0.41 -8.33 -18.93
C GLY B 6 -1.32 -7.99 -17.77
N GLY B 7 -2.19 -8.92 -17.38
CA GLY B 7 -3.10 -8.66 -16.29
C GLY B 7 -2.78 -9.45 -15.03
N GLY B 8 -1.56 -9.97 -14.95
CA GLY B 8 -1.14 -10.77 -13.81
C GLY B 8 -0.99 -10.03 -12.48
N GLN B 9 -0.34 -10.67 -11.52
CA GLN B 9 -0.19 -10.06 -10.21
C GLN B 9 0.78 -8.89 -10.20
N LEU B 10 1.78 -8.92 -11.08
CA LEU B 10 2.74 -7.81 -11.14
C LEU B 10 1.98 -6.56 -11.57
N GLY B 11 1.07 -6.72 -12.53
CA GLY B 11 0.29 -5.58 -12.99
C GLY B 11 -0.64 -5.10 -11.90
N ARG B 12 -1.23 -6.06 -11.18
CA ARG B 12 -2.14 -5.76 -10.09
C ARG B 12 -1.43 -4.92 -9.03
N MET B 13 -0.20 -5.29 -8.69
CA MET B 13 0.53 -4.53 -7.67
C MET B 13 1.01 -3.19 -8.18
N LEU B 14 1.21 -3.09 -9.50
CA LEU B 14 1.61 -1.84 -10.15
C LEU B 14 0.46 -0.82 -9.93
N ALA B 15 -0.76 -1.25 -10.24
CA ALA B 15 -1.93 -0.39 -10.08
C ALA B 15 -2.12 0.03 -8.62
N LEU B 16 -1.99 -0.91 -7.68
CA LEU B 16 -2.14 -0.61 -6.25
C LEU B 16 -1.14 0.44 -5.80
N ALA B 17 0.07 0.39 -6.33
CA ALA B 17 1.09 1.37 -5.97
C ALA B 17 0.78 2.72 -6.63
N GLY B 18 0.09 2.67 -7.78
CA GLY B 18 -0.24 3.88 -8.49
C GLY B 18 -1.46 4.67 -8.04
N TYR B 19 -2.52 4.00 -7.58
CA TYR B 19 -3.69 4.75 -7.16
C TYR B 19 -3.34 5.87 -6.15
N PRO B 20 -2.43 5.58 -5.19
CA PRO B 20 -2.07 6.61 -4.21
C PRO B 20 -1.49 7.85 -4.90
N LEU B 21 -1.00 7.68 -6.13
CA LEU B 21 -0.45 8.80 -6.89
C LEU B 21 -1.50 9.42 -7.81
N GLY B 22 -2.74 8.98 -7.66
CA GLY B 22 -3.81 9.51 -8.49
C GLY B 22 -3.80 9.04 -9.92
N LEU B 23 -3.07 7.96 -10.20
CA LEU B 23 -3.00 7.43 -11.54
C LEU B 23 -4.21 6.54 -11.90
N SER B 24 -4.31 6.19 -13.18
CA SER B 24 -5.39 5.34 -13.69
C SER B 24 -4.71 4.22 -14.46
N PHE B 25 -5.41 3.10 -14.60
CA PHE B 25 -4.82 1.97 -15.29
C PHE B 25 -5.75 1.20 -16.20
N ARG B 26 -5.17 0.58 -17.21
CA ARG B 26 -5.90 -0.25 -18.15
C ARG B 26 -5.00 -1.44 -18.41
N PHE B 27 -5.53 -2.64 -18.27
CA PHE B 27 -4.72 -3.83 -18.52
C PHE B 27 -5.22 -4.53 -19.75
N LEU B 28 -4.33 -5.27 -20.40
CA LEU B 28 -4.67 -6.06 -21.58
C LEU B 28 -4.21 -7.47 -21.21
N ASP B 29 -5.11 -8.43 -21.29
CA ASP B 29 -4.75 -9.81 -20.97
C ASP B 29 -5.72 -10.77 -21.63
N PRO B 30 -5.21 -11.92 -22.08
CA PRO B 30 -5.97 -12.98 -22.74
C PRO B 30 -7.05 -13.61 -21.87
N SER B 31 -6.81 -13.65 -20.56
CA SER B 31 -7.75 -14.26 -19.65
C SER B 31 -8.70 -13.32 -18.93
N PRO B 32 -10.00 -13.59 -19.03
CA PRO B 32 -11.03 -12.77 -18.40
C PRO B 32 -10.85 -12.76 -16.88
N GLU B 33 -10.01 -13.65 -16.37
CA GLU B 33 -9.79 -13.77 -14.94
C GLU B 33 -8.54 -13.07 -14.43
N ALA B 34 -7.78 -12.43 -15.30
CA ALA B 34 -6.55 -11.74 -14.89
C ALA B 34 -6.79 -11.05 -13.55
N CYS B 35 -6.00 -11.40 -12.54
CA CYS B 35 -6.23 -10.81 -11.24
C CYS B 35 -6.11 -9.29 -11.22
N ALA B 36 -5.43 -8.71 -12.21
CA ALA B 36 -5.30 -7.26 -12.24
C ALA B 36 -6.68 -6.67 -12.51
N GLY B 37 -7.53 -7.46 -13.17
CA GLY B 37 -8.86 -7.01 -13.48
C GLY B 37 -9.65 -6.61 -12.26
N GLN B 38 -9.25 -7.14 -11.10
CA GLN B 38 -9.94 -6.83 -9.86
C GLN B 38 -9.59 -5.45 -9.33
N VAL B 39 -8.61 -4.79 -9.93
CA VAL B 39 -8.22 -3.47 -9.45
C VAL B 39 -8.16 -2.36 -10.50
N GLY B 40 -8.48 -2.70 -11.75
CA GLY B 40 -8.46 -1.69 -12.79
C GLY B 40 -9.28 -2.17 -13.96
N GLU B 41 -9.42 -1.37 -15.01
CA GLU B 41 -10.18 -1.82 -16.16
C GLU B 41 -9.31 -2.76 -16.99
N LEU B 42 -9.86 -3.95 -17.21
CA LEU B 42 -9.16 -4.97 -17.94
C LEU B 42 -9.81 -5.24 -19.28
N VAL B 43 -9.02 -5.13 -20.34
CA VAL B 43 -9.49 -5.39 -21.68
C VAL B 43 -9.05 -6.83 -21.96
N VAL B 44 -10.02 -7.71 -22.22
CA VAL B 44 -9.72 -9.10 -22.52
C VAL B 44 -9.45 -9.27 -24.02
N GLY B 45 -8.24 -9.69 -24.37
CA GLY B 45 -7.88 -9.87 -25.76
C GLY B 45 -6.48 -10.45 -25.89
N GLU B 46 -6.19 -11.06 -27.03
CA GLU B 46 -4.86 -11.64 -27.27
C GLU B 46 -3.90 -10.52 -27.65
N PHE B 47 -2.63 -10.62 -27.23
CA PHE B 47 -1.64 -9.58 -27.55
C PHE B 47 -1.38 -9.45 -29.03
N LEU B 48 -1.71 -10.49 -29.80
CA LEU B 48 -1.50 -10.44 -31.23
C LEU B 48 -2.80 -10.15 -31.98
N ASP B 49 -3.83 -9.77 -31.23
CA ASP B 49 -5.12 -9.40 -31.82
C ASP B 49 -5.03 -7.89 -31.97
N GLU B 50 -4.58 -7.45 -33.13
CA GLU B 50 -4.41 -6.02 -33.41
C GLU B 50 -5.63 -5.19 -33.01
N GLY B 51 -6.83 -5.72 -33.24
CA GLY B 51 -8.04 -4.99 -32.89
C GLY B 51 -8.04 -4.67 -31.41
N ALA B 52 -7.85 -5.70 -30.60
CA ALA B 52 -7.82 -5.55 -29.15
C ALA B 52 -6.64 -4.69 -28.74
N LEU B 53 -5.50 -4.88 -29.39
CA LEU B 53 -4.31 -4.12 -29.06
C LEU B 53 -4.53 -2.62 -29.20
N LEU B 54 -5.09 -2.19 -30.34
CA LEU B 54 -5.33 -0.75 -30.58
C LEU B 54 -6.46 -0.19 -29.71
N ARG B 55 -7.48 -1.02 -29.47
CA ARG B 55 -8.60 -0.62 -28.63
C ARG B 55 -8.07 -0.32 -27.23
N PHE B 56 -7.14 -1.16 -26.79
CA PHE B 56 -6.49 -1.02 -25.49
C PHE B 56 -5.70 0.29 -25.37
N ALA B 57 -4.95 0.66 -26.41
CA ALA B 57 -4.13 1.87 -26.37
C ALA B 57 -4.86 3.21 -26.45
N GLU B 58 -6.11 3.17 -26.87
CA GLU B 58 -6.92 4.39 -27.01
C GLU B 58 -6.82 5.35 -25.84
N GLY B 59 -6.20 6.50 -26.07
CA GLY B 59 -6.10 7.50 -25.02
C GLY B 59 -5.07 7.30 -23.93
N LEU B 60 -4.30 6.23 -23.97
CA LEU B 60 -3.30 6.02 -22.95
C LEU B 60 -2.23 7.09 -23.02
N ALA B 61 -1.59 7.37 -21.89
CA ALA B 61 -0.54 8.36 -21.84
C ALA B 61 0.77 7.66 -22.19
N LEU B 62 0.85 6.39 -21.79
CA LEU B 62 2.04 5.57 -22.03
C LEU B 62 1.69 4.10 -21.79
N VAL B 63 2.56 3.20 -22.23
CA VAL B 63 2.35 1.78 -22.07
C VAL B 63 3.60 1.09 -21.54
N THR B 64 3.40 0.24 -20.55
CA THR B 64 4.49 -0.53 -19.95
C THR B 64 3.98 -1.98 -19.94
N TYR B 65 4.79 -2.92 -19.46
CA TYR B 65 4.36 -4.31 -19.44
C TYR B 65 4.86 -5.11 -18.23
N GLU B 66 4.15 -6.18 -17.89
CA GLU B 66 4.50 -7.03 -16.76
C GLU B 66 4.60 -8.48 -17.16
N PHE B 67 3.89 -8.82 -18.23
CA PHE B 67 3.85 -10.17 -18.80
C PHE B 67 5.27 -10.43 -19.32
N GLU B 68 6.03 -11.26 -18.61
CA GLU B 68 7.41 -11.57 -19.01
C GLU B 68 7.58 -11.95 -20.49
N ASN B 69 6.64 -12.68 -21.05
CA ASN B 69 6.78 -13.07 -22.44
C ASN B 69 5.82 -12.43 -23.44
N VAL B 70 5.42 -11.17 -23.19
CA VAL B 70 4.55 -10.50 -24.15
C VAL B 70 5.24 -10.53 -25.50
N PRO B 71 4.47 -10.75 -26.57
CA PRO B 71 5.05 -10.79 -27.91
C PRO B 71 5.66 -9.41 -28.14
N VAL B 72 6.93 -9.33 -28.50
CA VAL B 72 7.53 -8.01 -28.73
C VAL B 72 6.87 -7.31 -29.93
N GLU B 73 6.16 -8.08 -30.74
CA GLU B 73 5.45 -7.54 -31.89
C GLU B 73 4.43 -6.52 -31.37
N ALA B 74 3.67 -6.93 -30.36
CA ALA B 74 2.66 -6.05 -29.78
C ALA B 74 3.26 -4.83 -29.12
N ALA B 75 4.47 -4.97 -28.58
CA ALA B 75 5.11 -3.83 -27.93
C ALA B 75 5.56 -2.80 -28.95
N ARG B 76 6.18 -3.26 -30.04
CA ARG B 76 6.65 -2.35 -31.08
C ARG B 76 5.49 -1.74 -31.88
N ARG B 77 4.39 -2.48 -31.97
CA ARG B 77 3.20 -2.03 -32.69
C ARG B 77 2.53 -0.81 -32.06
N LEU B 78 2.90 -0.50 -30.82
CA LEU B 78 2.33 0.64 -30.11
C LEU B 78 3.41 1.69 -29.88
N GLU B 79 4.67 1.28 -30.01
CA GLU B 79 5.81 2.17 -29.79
C GLU B 79 5.72 3.42 -30.66
N GLY B 80 4.99 3.31 -31.76
CA GLY B 80 4.84 4.47 -32.63
C GLY B 80 3.79 5.41 -32.09
N ARG B 81 2.59 4.87 -31.84
CA ARG B 81 1.44 5.63 -31.34
C ARG B 81 1.62 6.35 -30.00
N LEU B 82 2.30 5.72 -29.06
CA LEU B 82 2.51 6.34 -27.75
C LEU B 82 3.80 5.88 -27.07
N PRO B 83 4.23 6.61 -26.02
CA PRO B 83 5.45 6.26 -25.29
C PRO B 83 5.36 4.83 -24.77
N LEU B 84 6.46 4.08 -24.87
CA LEU B 84 6.52 2.70 -24.44
C LEU B 84 7.79 2.50 -23.61
N TYR B 85 7.64 2.26 -22.32
CA TYR B 85 8.78 2.05 -21.42
C TYR B 85 8.58 0.77 -20.62
N PRO B 86 9.61 -0.06 -20.46
CA PRO B 86 10.97 0.09 -20.97
C PRO B 86 10.93 -0.04 -22.48
N PRO B 87 12.02 0.31 -23.18
CA PRO B 87 12.02 0.19 -24.63
C PRO B 87 11.95 -1.26 -25.11
N ALA B 88 11.24 -1.48 -26.23
CA ALA B 88 11.05 -2.81 -26.80
C ALA B 88 12.32 -3.64 -26.96
N LYS B 89 13.46 -2.97 -27.13
CA LYS B 89 14.72 -3.69 -27.28
C LYS B 89 15.02 -4.58 -26.07
N ALA B 90 14.76 -4.06 -24.87
CA ALA B 90 15.00 -4.78 -23.63
C ALA B 90 14.22 -6.08 -23.63
N LEU B 91 13.06 -6.05 -24.27
CA LEU B 91 12.21 -7.22 -24.37
C LEU B 91 12.83 -8.24 -25.32
N GLU B 92 13.49 -7.77 -26.37
CA GLU B 92 14.11 -8.68 -27.33
C GLU B 92 15.29 -9.39 -26.69
N VAL B 93 16.15 -8.62 -26.02
CA VAL B 93 17.30 -9.17 -25.34
C VAL B 93 16.90 -10.19 -24.29
N ALA B 94 15.97 -9.82 -23.43
CA ALA B 94 15.51 -10.68 -22.35
C ALA B 94 14.85 -11.99 -22.79
N GLN B 95 14.20 -11.97 -23.94
CA GLN B 95 13.51 -13.16 -24.40
C GLN B 95 14.34 -14.21 -25.14
N ASP B 96 15.63 -13.95 -25.33
CA ASP B 96 16.52 -14.92 -25.98
C ASP B 96 17.76 -15.14 -25.11
N ARG B 97 17.83 -16.30 -24.46
CA ARG B 97 18.95 -16.63 -23.56
C ARG B 97 20.32 -16.32 -24.13
N LEU B 98 20.52 -16.64 -25.41
CA LEU B 98 21.80 -16.38 -26.05
C LEU B 98 22.01 -14.89 -26.23
N ARG B 99 20.97 -14.19 -26.66
CA ARG B 99 21.06 -12.75 -26.86
C ARG B 99 21.29 -12.08 -25.51
N GLU B 100 20.75 -12.67 -24.45
CA GLU B 100 20.88 -12.15 -23.09
C GLU B 100 22.34 -12.20 -22.64
N LYS B 101 22.92 -13.40 -22.64
CA LYS B 101 24.32 -13.57 -22.23
C LYS B 101 25.23 -12.76 -23.15
N THR B 102 24.97 -12.83 -24.46
CA THR B 102 25.74 -12.10 -25.46
C THR B 102 25.79 -10.62 -25.12
N PHE B 103 24.62 -10.06 -24.82
CA PHE B 103 24.52 -8.65 -24.48
C PHE B 103 25.38 -8.29 -23.26
N PHE B 104 25.15 -8.96 -22.14
CA PHE B 104 25.89 -8.70 -20.91
C PHE B 104 27.38 -8.97 -21.05
N GLN B 105 27.72 -9.99 -21.84
CA GLN B 105 29.11 -10.30 -22.07
C GLN B 105 29.73 -9.06 -22.71
N GLY B 106 29.03 -8.49 -23.68
CA GLY B 106 29.50 -7.29 -24.35
C GLY B 106 29.64 -6.11 -23.42
N LEU B 107 28.82 -6.03 -22.38
CA LEU B 107 28.90 -4.92 -21.43
C LEU B 107 30.13 -5.10 -20.57
N GLY B 108 30.64 -6.33 -20.53
CA GLY B 108 31.81 -6.61 -19.72
C GLY B 108 31.47 -7.22 -18.38
N VAL B 109 30.27 -7.78 -18.27
CA VAL B 109 29.88 -8.41 -17.01
C VAL B 109 30.06 -9.91 -17.13
N PRO B 110 30.64 -10.55 -16.11
CA PRO B 110 30.89 -11.99 -16.08
C PRO B 110 29.63 -12.83 -16.30
N THR B 111 29.76 -13.89 -17.10
CA THR B 111 28.65 -14.77 -17.39
C THR B 111 29.21 -16.18 -17.45
N PRO B 112 28.40 -17.20 -17.09
CA PRO B 112 28.92 -18.55 -17.13
C PRO B 112 29.38 -18.85 -18.56
N PRO B 113 30.16 -19.92 -18.76
CA PRO B 113 30.59 -20.21 -20.13
C PRO B 113 29.36 -20.72 -20.88
N PHE B 114 29.14 -20.18 -22.08
CA PHE B 114 27.98 -20.57 -22.88
C PHE B 114 28.35 -20.65 -24.35
N HIS B 115 27.62 -21.49 -25.08
CA HIS B 115 27.87 -21.64 -26.51
C HIS B 115 26.60 -22.04 -27.25
N PRO B 116 26.33 -21.39 -28.39
CA PRO B 116 25.15 -21.66 -29.22
C PRO B 116 25.18 -23.08 -29.80
N VAL B 117 24.02 -23.73 -29.84
CA VAL B 117 23.96 -25.08 -30.37
C VAL B 117 22.74 -25.35 -31.26
N ASP B 118 22.99 -25.48 -32.57
CA ASP B 118 21.96 -25.75 -33.54
C ASP B 118 22.38 -26.93 -34.41
N GLY B 119 22.70 -28.05 -33.75
CA GLY B 119 23.13 -29.22 -34.47
C GLY B 119 24.26 -29.96 -33.78
N PRO B 120 24.24 -31.31 -33.81
CA PRO B 120 25.26 -32.15 -33.18
C PRO B 120 26.69 -31.62 -33.29
N GLU B 121 27.04 -31.04 -34.44
CA GLU B 121 28.40 -30.52 -34.60
C GLU B 121 28.66 -29.36 -33.66
N ASP B 122 27.60 -28.62 -33.33
CA ASP B 122 27.69 -27.47 -32.42
C ASP B 122 27.81 -27.95 -30.98
N LEU B 123 27.03 -28.98 -30.64
CA LEU B 123 27.06 -29.52 -29.29
C LEU B 123 28.50 -29.80 -28.92
N GLU B 124 29.15 -30.69 -29.67
CA GLU B 124 30.55 -31.03 -29.43
C GLU B 124 31.42 -29.78 -29.52
N GLU B 125 31.21 -29.00 -30.58
CA GLU B 125 31.95 -27.76 -30.81
C GLU B 125 32.14 -26.95 -29.52
N GLY B 126 31.10 -26.91 -28.69
CA GLY B 126 31.19 -26.17 -27.45
C GLY B 126 31.10 -27.00 -26.19
N LEU B 127 30.58 -28.22 -26.32
CA LEU B 127 30.44 -29.10 -25.16
C LEU B 127 31.80 -29.41 -24.54
N LYS B 128 32.87 -29.03 -25.23
CA LYS B 128 34.21 -29.25 -24.71
C LYS B 128 34.75 -27.92 -24.19
N ARG B 129 34.46 -26.84 -24.91
CA ARG B 129 34.92 -25.52 -24.50
C ARG B 129 33.99 -24.93 -23.43
N VAL B 130 33.35 -25.83 -22.69
CA VAL B 130 32.41 -25.47 -21.62
C VAL B 130 32.63 -26.43 -20.45
N GLY B 131 32.68 -27.72 -20.76
CA GLY B 131 32.91 -28.72 -19.74
C GLY B 131 31.69 -29.23 -19.00
N LEU B 132 31.61 -30.54 -18.85
CA LEU B 132 30.51 -31.19 -18.15
C LEU B 132 30.74 -31.16 -16.64
N PRO B 133 29.64 -31.16 -15.85
CA PRO B 133 28.27 -31.17 -16.39
C PRO B 133 27.94 -29.81 -16.98
N ALA B 134 26.70 -29.64 -17.41
CA ALA B 134 26.28 -28.38 -17.98
C ALA B 134 24.79 -28.42 -18.22
N LEU B 135 24.24 -27.32 -18.69
CA LEU B 135 22.82 -27.26 -18.99
C LEU B 135 22.62 -26.95 -20.45
N LEU B 136 21.66 -27.63 -21.06
CA LEU B 136 21.34 -27.42 -22.46
C LEU B 136 19.95 -26.81 -22.44
N LYS B 137 19.90 -25.49 -22.55
CA LYS B 137 18.62 -24.79 -22.50
C LYS B 137 18.18 -24.27 -23.86
N THR B 138 16.86 -24.24 -24.05
CA THR B 138 16.30 -23.73 -25.28
C THR B 138 16.42 -22.21 -25.19
N ARG B 139 16.85 -21.56 -26.26
CA ARG B 139 17.02 -20.11 -26.26
C ARG B 139 15.73 -19.35 -25.94
N ARG B 140 14.59 -19.98 -26.19
CA ARG B 140 13.29 -19.37 -25.91
C ARG B 140 12.53 -20.15 -24.84
N GLY B 147 11.82 -27.63 -21.72
CA GLY B 147 12.43 -26.33 -21.50
C GLY B 147 13.94 -26.37 -21.48
N GLN B 148 14.51 -26.94 -20.42
CA GLN B 148 15.95 -27.05 -20.27
C GLN B 148 16.30 -28.41 -19.67
N ALA B 149 17.58 -28.78 -19.72
CA ALA B 149 18.01 -30.06 -19.19
C ALA B 149 19.44 -30.05 -18.69
N LEU B 150 19.62 -30.52 -17.46
CA LEU B 150 20.95 -30.60 -16.85
C LEU B 150 21.60 -31.87 -17.38
N VAL B 151 22.78 -31.71 -17.98
CA VAL B 151 23.48 -32.85 -18.54
C VAL B 151 24.81 -33.16 -17.87
N ARG B 152 24.94 -34.41 -17.44
CA ARG B 152 26.17 -34.87 -16.78
C ARG B 152 26.96 -35.76 -17.75
N THR B 153 26.30 -36.80 -18.25
CA THR B 153 26.91 -37.76 -19.16
C THR B 153 27.28 -37.16 -20.51
N GLU B 154 28.44 -37.56 -21.03
CA GLU B 154 28.93 -37.07 -22.31
C GLU B 154 27.89 -37.34 -23.39
N GLU B 155 27.13 -38.42 -23.23
CA GLU B 155 26.11 -38.76 -24.21
C GLU B 155 24.73 -38.27 -23.76
N GLU B 156 24.55 -38.10 -22.46
CA GLU B 156 23.28 -37.63 -21.93
C GLU B 156 23.01 -36.24 -22.54
N ALA B 157 24.06 -35.66 -23.13
CA ALA B 157 23.99 -34.36 -23.78
C ALA B 157 23.29 -34.53 -25.12
N LEU B 158 23.86 -35.38 -25.98
CA LEU B 158 23.27 -35.63 -27.27
C LEU B 158 21.91 -36.28 -27.03
N GLU B 159 21.80 -36.97 -25.90
CA GLU B 159 20.57 -37.63 -25.49
C GLU B 159 19.66 -36.60 -24.84
N ALA B 160 19.92 -35.33 -25.13
CA ALA B 160 19.13 -34.25 -24.57
C ALA B 160 18.61 -33.28 -25.64
N LEU B 161 19.48 -32.86 -26.55
CA LEU B 161 19.07 -31.93 -27.59
C LEU B 161 17.85 -32.44 -28.34
N LYS B 162 17.74 -33.75 -28.50
CA LYS B 162 16.59 -34.34 -29.17
C LYS B 162 15.47 -34.38 -28.13
N ALA B 163 14.22 -34.42 -28.58
CA ALA B 163 13.07 -34.44 -27.68
C ALA B 163 13.07 -33.13 -26.87
N LEU B 164 13.95 -32.22 -27.26
CA LEU B 164 14.09 -30.91 -26.62
C LEU B 164 14.24 -29.87 -27.73
N GLY B 165 14.17 -30.32 -28.97
CA GLY B 165 14.29 -29.41 -30.09
C GLY B 165 15.33 -29.82 -31.12
N GLY B 166 16.59 -29.63 -30.79
CA GLY B 166 17.66 -29.97 -31.72
C GLY B 166 18.18 -28.70 -32.38
N ARG B 167 17.41 -27.63 -32.22
CA ARG B 167 17.76 -26.34 -32.80
C ARG B 167 17.33 -25.23 -31.85
N GLY B 168 18.07 -24.12 -31.87
CA GLY B 168 17.74 -22.99 -31.03
C GLY B 168 17.94 -23.28 -29.56
N LEU B 169 19.05 -23.92 -29.23
CA LEU B 169 19.37 -24.24 -27.85
C LEU B 169 20.70 -23.60 -27.50
N ILE B 170 20.96 -23.49 -26.21
CA ILE B 170 22.23 -22.92 -25.75
C ILE B 170 22.85 -23.82 -24.70
N LEU B 171 24.18 -23.90 -24.69
CA LEU B 171 24.89 -24.75 -23.74
C LEU B 171 25.54 -23.86 -22.69
N GLU B 172 25.15 -24.08 -21.44
CA GLU B 172 25.69 -23.30 -20.32
C GLU B 172 26.48 -24.19 -19.39
N GLY B 173 27.65 -23.72 -18.99
CA GLY B 173 28.49 -24.47 -18.09
C GLY B 173 27.98 -24.42 -16.67
N PHE B 174 27.52 -25.56 -16.16
CA PHE B 174 27.00 -25.65 -14.79
C PHE B 174 27.92 -24.88 -13.86
N VAL B 175 27.32 -24.06 -12.99
CA VAL B 175 28.12 -23.28 -12.06
C VAL B 175 27.77 -23.59 -10.61
N PRO B 176 28.78 -23.96 -9.81
CA PRO B 176 28.58 -24.28 -8.40
C PRO B 176 28.64 -22.96 -7.63
N PHE B 177 27.47 -22.34 -7.45
CA PHE B 177 27.39 -21.07 -6.75
C PHE B 177 27.15 -21.21 -5.25
N ASP B 178 27.58 -20.20 -4.49
CA ASP B 178 27.39 -20.19 -3.05
C ASP B 178 25.90 -19.94 -2.84
N ARG B 179 25.37 -18.98 -3.60
CA ARG B 179 23.97 -18.62 -3.55
C ARG B 179 23.62 -17.82 -4.80
N GLU B 180 22.33 -17.52 -4.96
CA GLU B 180 21.86 -16.73 -6.08
C GLU B 180 21.42 -15.39 -5.50
N VAL B 181 21.64 -14.32 -6.24
CA VAL B 181 21.23 -13.00 -5.79
C VAL B 181 20.71 -12.20 -6.97
N SER B 182 19.87 -11.20 -6.69
CA SER B 182 19.33 -10.36 -7.76
C SER B 182 19.40 -8.90 -7.36
N LEU B 183 19.64 -8.05 -8.34
CA LEU B 183 19.73 -6.62 -8.08
C LEU B 183 18.66 -5.90 -8.85
N LEU B 184 17.74 -5.25 -8.14
CA LEU B 184 16.69 -4.51 -8.80
C LEU B 184 17.20 -3.08 -8.97
N ALA B 185 17.14 -2.60 -10.21
CA ALA B 185 17.62 -1.26 -10.51
C ALA B 185 16.55 -0.49 -11.26
N VAL B 186 16.57 0.82 -11.12
CA VAL B 186 15.58 1.64 -11.78
C VAL B 186 16.18 2.91 -12.41
N ARG B 187 15.63 3.30 -13.55
CA ARG B 187 16.09 4.48 -14.27
C ARG B 187 14.89 5.19 -14.86
N GLY B 188 14.70 6.45 -14.49
CA GLY B 188 13.58 7.22 -15.00
C GLY B 188 13.89 7.88 -16.33
N ARG B 189 12.89 8.51 -16.94
CA ARG B 189 13.08 9.19 -18.22
C ARG B 189 14.24 10.17 -18.06
N THR B 190 14.13 11.02 -17.05
CA THR B 190 15.16 12.02 -16.75
C THR B 190 16.57 11.51 -16.93
N GLY B 191 16.81 10.27 -16.54
CA GLY B 191 18.14 9.70 -16.65
C GLY B 191 18.64 9.31 -15.27
N GLU B 192 17.93 9.77 -14.24
CA GLU B 192 18.31 9.46 -12.86
C GLU B 192 18.24 7.95 -12.64
N VAL B 193 19.00 7.45 -11.68
CA VAL B 193 19.02 6.03 -11.40
C VAL B 193 19.00 5.73 -9.90
N ALA B 194 18.62 4.50 -9.55
CA ALA B 194 18.55 4.08 -8.16
C ALA B 194 18.78 2.58 -8.06
N PHE B 195 19.24 2.11 -6.91
CA PHE B 195 19.52 0.68 -6.74
C PHE B 195 19.08 0.17 -5.38
N TYR B 196 18.35 -0.95 -5.38
CA TYR B 196 17.89 -1.55 -4.13
C TYR B 196 19.03 -2.40 -3.62
N PRO B 197 18.93 -2.87 -2.37
CA PRO B 197 20.00 -3.71 -1.86
C PRO B 197 19.94 -5.04 -2.59
N LEU B 198 21.07 -5.71 -2.79
CA LEU B 198 21.06 -7.00 -3.44
C LEU B 198 20.19 -7.87 -2.54
N VAL B 199 19.49 -8.86 -3.10
CA VAL B 199 18.67 -9.72 -2.25
C VAL B 199 19.05 -11.16 -2.54
N GLU B 200 18.93 -12.02 -1.53
CA GLU B 200 19.27 -13.42 -1.70
C GLU B 200 18.04 -14.24 -2.06
N ASN B 201 18.10 -14.93 -3.19
CA ASN B 201 16.97 -15.73 -3.68
C ASN B 201 17.23 -17.23 -3.63
N ARG B 202 16.27 -17.98 -3.12
CA ARG B 202 16.41 -19.42 -3.04
C ARG B 202 15.28 -20.04 -3.83
N HIS B 203 15.64 -20.87 -4.79
CA HIS B 203 14.67 -21.54 -5.64
C HIS B 203 14.57 -23.00 -5.23
N TRP B 204 13.52 -23.67 -5.71
CA TRP B 204 13.30 -25.08 -5.40
C TRP B 204 12.17 -25.56 -6.30
N GLY B 205 12.48 -26.53 -7.17
CA GLY B 205 11.48 -27.03 -8.09
C GLY B 205 11.36 -26.07 -9.27
N GLY B 206 12.34 -25.17 -9.39
CA GLY B 206 12.33 -24.20 -10.48
C GLY B 206 11.40 -23.03 -10.22
N ILE B 207 11.10 -22.77 -8.95
CA ILE B 207 10.22 -21.66 -8.58
C ILE B 207 10.82 -20.92 -7.40
N LEU B 208 10.92 -19.59 -7.50
CA LEU B 208 11.47 -18.80 -6.40
C LEU B 208 10.64 -19.14 -5.16
N ARG B 209 11.30 -19.49 -4.07
CA ARG B 209 10.59 -19.85 -2.83
C ARG B 209 10.82 -18.86 -1.72
N LEU B 210 12.03 -18.30 -1.65
CA LEU B 210 12.32 -17.36 -0.59
C LEU B 210 13.32 -16.29 -0.99
N SER B 211 13.07 -15.07 -0.54
CA SER B 211 13.97 -13.96 -0.82
C SER B 211 14.36 -13.32 0.51
N LEU B 212 15.66 -13.11 0.69
CA LEU B 212 16.17 -12.49 1.91
C LEU B 212 16.75 -11.14 1.52
N ALA B 213 16.27 -10.09 2.17
CA ALA B 213 16.74 -8.73 1.87
C ALA B 213 16.96 -7.91 3.15
N PRO B 214 18.09 -7.20 3.22
CA PRO B 214 19.13 -7.16 2.19
C PRO B 214 19.88 -8.50 2.15
N ALA B 215 20.54 -8.80 1.04
CA ALA B 215 21.28 -10.05 0.94
C ALA B 215 22.14 -10.24 2.18
N PRO B 216 21.91 -11.33 2.92
CA PRO B 216 22.66 -11.62 4.14
C PRO B 216 24.17 -11.60 3.92
N GLY B 217 24.86 -10.74 4.67
CA GLY B 217 26.31 -10.65 4.59
C GLY B 217 26.94 -9.93 3.42
N ALA B 218 26.17 -9.70 2.37
CA ALA B 218 26.67 -9.02 1.18
C ALA B 218 27.62 -7.88 1.55
N SER B 219 28.78 -7.87 0.91
CA SER B 219 29.77 -6.83 1.19
C SER B 219 29.40 -5.55 0.46
N GLU B 220 30.00 -4.45 0.88
CA GLU B 220 29.73 -3.16 0.26
C GLU B 220 30.28 -3.17 -1.16
N ALA B 221 31.35 -3.94 -1.37
CA ALA B 221 31.96 -4.03 -2.69
C ALA B 221 31.06 -4.81 -3.64
N LEU B 222 30.56 -5.95 -3.16
CA LEU B 222 29.67 -6.80 -3.96
C LEU B 222 28.53 -5.93 -4.49
N GLN B 223 27.87 -5.23 -3.56
CA GLN B 223 26.77 -4.34 -3.87
C GLN B 223 27.15 -3.35 -4.96
N LYS B 224 28.30 -2.68 -4.76
CA LYS B 224 28.77 -1.69 -5.71
C LYS B 224 29.03 -2.25 -7.10
N LYS B 225 29.52 -3.48 -7.17
CA LYS B 225 29.80 -4.12 -8.45
C LYS B 225 28.49 -4.42 -9.16
N ALA B 226 27.56 -5.07 -8.44
CA ALA B 226 26.25 -5.41 -8.98
C ALA B 226 25.59 -4.17 -9.56
N GLU B 227 25.76 -3.04 -8.88
CA GLU B 227 25.19 -1.79 -9.36
C GLU B 227 25.89 -1.30 -10.62
N ALA B 228 27.20 -1.52 -10.67
CA ALA B 228 28.00 -1.10 -11.82
C ALA B 228 27.51 -1.80 -13.08
N TYR B 229 27.28 -3.11 -12.98
CA TYR B 229 26.79 -3.89 -14.11
C TYR B 229 25.42 -3.37 -14.53
N ALA B 230 24.54 -3.23 -13.53
CA ALA B 230 23.17 -2.75 -13.75
C ALA B 230 23.14 -1.43 -14.49
N LEU B 231 23.99 -0.51 -14.09
CA LEU B 231 24.05 0.82 -14.70
C LEU B 231 24.49 0.72 -16.16
N ARG B 232 25.39 -0.21 -16.44
CA ARG B 232 25.89 -0.38 -17.79
C ARG B 232 24.78 -0.91 -18.68
N ALA B 233 24.04 -1.89 -18.17
CA ALA B 233 22.95 -2.49 -18.92
C ALA B 233 21.86 -1.45 -19.17
N MET B 234 21.46 -0.73 -18.12
CA MET B 234 20.42 0.26 -18.26
C MET B 234 20.76 1.37 -19.25
N GLU B 235 21.96 1.92 -19.16
CA GLU B 235 22.40 2.99 -20.05
C GLU B 235 22.55 2.48 -21.48
N ALA B 236 23.01 1.25 -21.62
CA ALA B 236 23.17 0.65 -22.93
C ALA B 236 21.84 0.42 -23.63
N LEU B 237 20.75 0.38 -22.87
CA LEU B 237 19.43 0.14 -23.45
C LEU B 237 18.48 1.34 -23.40
N ASP B 238 18.96 2.47 -22.87
CA ASP B 238 18.11 3.66 -22.73
C ASP B 238 16.91 3.18 -21.92
N TYR B 239 17.21 2.32 -20.95
CA TYR B 239 16.20 1.70 -20.10
C TYR B 239 15.46 2.70 -19.23
N VAL B 240 14.16 2.50 -19.11
CA VAL B 240 13.34 3.35 -18.28
C VAL B 240 12.37 2.43 -17.54
N GLY B 241 12.46 2.47 -16.22
CA GLY B 241 11.61 1.64 -15.38
C GLY B 241 12.47 0.81 -14.45
N VAL B 242 11.93 -0.31 -14.01
CA VAL B 242 12.66 -1.19 -13.13
C VAL B 242 13.24 -2.37 -13.91
N LEU B 243 14.51 -2.65 -13.64
CA LEU B 243 15.21 -3.74 -14.30
C LEU B 243 15.66 -4.71 -13.23
N ALA B 244 15.42 -6.00 -13.44
CA ALA B 244 15.81 -7.01 -12.47
C ALA B 244 16.92 -7.89 -13.05
N LEU B 245 18.06 -7.89 -12.38
CA LEU B 245 19.21 -8.66 -12.80
C LEU B 245 19.53 -9.79 -11.81
N GLU B 246 19.55 -11.01 -12.30
CA GLU B 246 19.86 -12.16 -11.46
C GLU B 246 21.28 -12.64 -11.70
N PHE B 247 22.02 -12.84 -10.61
CA PHE B 247 23.40 -13.30 -10.69
C PHE B 247 23.61 -14.57 -9.87
N PHE B 248 24.78 -15.19 -10.10
CA PHE B 248 25.20 -16.36 -9.35
C PHE B 248 26.35 -15.82 -8.53
N GLN B 249 26.36 -16.09 -7.23
CA GLN B 249 27.46 -15.59 -6.41
C GLN B 249 28.43 -16.74 -6.12
N VAL B 250 29.62 -16.64 -6.68
CA VAL B 250 30.66 -17.65 -6.46
C VAL B 250 31.88 -16.87 -5.96
N GLY B 251 32.13 -16.97 -4.66
CA GLY B 251 33.24 -16.25 -4.07
C GLY B 251 32.88 -14.80 -3.82
N GLU B 252 33.69 -13.89 -4.35
CA GLU B 252 33.44 -12.47 -4.18
C GLU B 252 33.03 -11.92 -5.53
N GLU B 253 32.80 -12.81 -6.48
CA GLU B 253 32.38 -12.41 -7.80
C GLU B 253 31.00 -12.98 -8.11
N LEU B 254 30.29 -12.34 -9.04
CA LEU B 254 28.97 -12.79 -9.41
C LEU B 254 28.80 -12.81 -10.94
N LEU B 255 28.22 -13.91 -11.42
CA LEU B 255 28.00 -14.12 -12.84
C LEU B 255 26.56 -13.85 -13.26
N PHE B 256 26.39 -13.05 -14.30
CA PHE B 256 25.05 -12.74 -14.80
C PHE B 256 24.33 -14.01 -15.21
N ASN B 257 23.11 -14.19 -14.74
CA ASN B 257 22.34 -15.37 -15.08
C ASN B 257 21.11 -15.07 -15.93
N GLU B 258 20.38 -14.02 -15.58
CA GLU B 258 19.16 -13.71 -16.30
C GLU B 258 18.63 -12.30 -16.00
N MET B 259 17.91 -11.72 -16.95
CA MET B 259 17.33 -10.39 -16.75
C MET B 259 15.85 -10.35 -17.12
N ALA B 260 15.12 -9.48 -16.45
CA ALA B 260 13.70 -9.31 -16.70
C ALA B 260 13.45 -7.81 -16.78
N PRO B 261 12.93 -7.33 -17.92
CA PRO B 261 12.67 -5.90 -18.08
C PRO B 261 11.39 -5.49 -17.37
N ARG B 262 11.38 -5.62 -16.04
CA ARG B 262 10.19 -5.30 -15.26
C ARG B 262 10.38 -5.53 -13.76
N VAL B 263 9.35 -5.16 -13.00
CA VAL B 263 9.37 -5.37 -11.57
C VAL B 263 9.52 -6.87 -11.50
N HIS B 264 10.11 -7.35 -10.42
CA HIS B 264 10.40 -8.78 -10.28
C HIS B 264 9.94 -9.36 -8.94
N ASN B 265 9.67 -10.67 -8.95
CA ASN B 265 9.21 -11.41 -7.78
C ASN B 265 10.17 -11.24 -6.61
N SER B 266 11.46 -11.29 -6.89
CA SER B 266 12.48 -11.15 -5.85
C SER B 266 12.45 -9.76 -5.22
N GLY B 267 11.55 -8.89 -5.67
CA GLY B 267 11.46 -7.56 -5.11
C GLY B 267 10.17 -7.23 -4.35
N HIS B 268 9.27 -8.19 -4.23
CA HIS B 268 8.01 -7.93 -3.53
C HIS B 268 8.17 -7.48 -2.09
N TRP B 269 9.33 -7.73 -1.50
CA TRP B 269 9.54 -7.32 -0.10
C TRP B 269 9.64 -5.80 0.02
N THR B 270 9.90 -5.12 -1.10
CA THR B 270 10.04 -3.67 -1.07
C THR B 270 8.73 -2.92 -0.85
N ILE B 271 7.60 -3.63 -0.89
CA ILE B 271 6.32 -2.97 -0.66
C ILE B 271 6.33 -2.38 0.76
N GLU B 272 6.80 -3.14 1.75
CA GLU B 272 6.90 -2.61 3.10
C GLU B 272 8.33 -2.66 3.65
N GLY B 273 9.23 -3.34 2.96
CA GLY B 273 10.62 -3.42 3.41
C GLY B 273 11.62 -2.39 2.87
N ALA B 274 11.14 -1.41 2.11
CA ALA B 274 12.01 -0.37 1.58
C ALA B 274 11.21 0.93 1.54
N GLU B 275 11.91 2.05 1.52
CA GLU B 275 11.24 3.34 1.53
C GLU B 275 10.29 3.49 0.34
N THR B 276 10.66 2.91 -0.79
CA THR B 276 9.83 2.99 -1.99
C THR B 276 9.75 1.61 -2.59
N SER B 277 8.55 1.15 -2.91
CA SER B 277 8.40 -0.18 -3.50
C SER B 277 8.90 -0.14 -4.93
N GLN B 278 9.27 -1.31 -5.43
CA GLN B 278 9.74 -1.42 -6.79
C GLN B 278 8.62 -0.95 -7.72
N PHE B 279 7.37 -1.22 -7.32
CA PHE B 279 6.22 -0.83 -8.12
C PHE B 279 6.06 0.69 -8.20
N GLU B 280 6.22 1.39 -7.09
CA GLU B 280 6.07 2.84 -7.14
C GLU B 280 7.23 3.45 -7.94
N ASN B 281 8.45 2.94 -7.73
CA ASN B 281 9.61 3.46 -8.45
C ASN B 281 9.50 3.20 -9.94
N HIS B 282 8.90 2.07 -10.32
CA HIS B 282 8.76 1.77 -11.73
C HIS B 282 7.85 2.83 -12.33
N LEU B 283 6.76 3.13 -11.63
CA LEU B 283 5.80 4.12 -12.09
C LEU B 283 6.45 5.51 -12.09
N ARG B 284 7.18 5.84 -11.05
CA ARG B 284 7.83 7.14 -10.99
C ARG B 284 8.80 7.29 -12.16
N ALA B 285 9.53 6.22 -12.45
CA ALA B 285 10.48 6.23 -13.54
C ALA B 285 9.81 6.51 -14.88
N VAL B 286 8.88 5.66 -15.30
CA VAL B 286 8.22 5.83 -16.59
C VAL B 286 7.35 7.08 -16.69
N LEU B 287 7.20 7.78 -15.58
CA LEU B 287 6.37 8.98 -15.56
C LEU B 287 7.25 10.23 -15.58
N GLY B 288 8.56 10.02 -15.45
CA GLY B 288 9.49 11.13 -15.45
C GLY B 288 9.46 11.90 -14.15
N LEU B 289 9.16 11.20 -13.06
CA LEU B 289 9.11 11.82 -11.74
C LEU B 289 10.37 11.47 -10.97
N PRO B 290 10.71 12.25 -9.94
CA PRO B 290 11.90 11.97 -9.14
C PRO B 290 11.80 10.54 -8.61
N LEU B 291 12.85 9.75 -8.75
CA LEU B 291 12.82 8.39 -8.24
C LEU B 291 12.71 8.47 -6.73
N GLY B 292 12.29 7.38 -6.10
CA GLY B 292 12.16 7.38 -4.65
C GLY B 292 13.28 6.62 -4.00
N SER B 293 13.52 6.92 -2.74
CA SER B 293 14.58 6.26 -1.98
C SER B 293 14.39 4.75 -2.00
N THR B 294 15.51 4.02 -2.03
CA THR B 294 15.47 2.57 -2.04
C THR B 294 16.06 1.99 -0.76
N ALA B 295 16.23 2.84 0.25
CA ALA B 295 16.80 2.38 1.52
C ALA B 295 15.92 1.32 2.16
N PRO B 296 16.52 0.22 2.62
CA PRO B 296 15.76 -0.86 3.27
C PRO B 296 15.19 -0.43 4.62
N ARG B 297 14.00 -0.92 4.93
CA ARG B 297 13.34 -0.61 6.19
C ARG B 297 13.52 -1.86 7.03
N GLY B 298 14.66 -1.94 7.73
CA GLY B 298 14.94 -3.11 8.55
C GLY B 298 15.43 -4.30 7.75
N GLN B 299 14.81 -5.45 7.97
CA GLN B 299 15.16 -6.68 7.27
C GLN B 299 13.90 -7.39 6.82
N SER B 300 13.96 -8.03 5.65
CA SER B 300 12.79 -8.70 5.14
C SER B 300 13.06 -10.08 4.63
N ALA B 301 12.01 -10.90 4.64
CA ALA B 301 12.03 -12.26 4.15
C ALA B 301 10.76 -12.32 3.31
N MET B 302 10.90 -12.72 2.04
CA MET B 302 9.78 -12.80 1.11
C MET B 302 9.52 -14.27 0.79
N VAL B 303 8.43 -14.82 1.30
CA VAL B 303 8.17 -16.22 0.99
C VAL B 303 6.97 -16.31 0.06
N ASN B 304 7.15 -17.01 -1.06
CA ASN B 304 6.09 -17.19 -2.05
C ASN B 304 5.08 -18.21 -1.63
N LEU B 305 3.83 -17.99 -2.07
CA LEU B 305 2.73 -18.90 -1.81
C LEU B 305 2.49 -19.60 -3.15
N ILE B 306 2.83 -20.89 -3.22
CA ILE B 306 2.67 -21.65 -4.45
C ILE B 306 1.55 -22.68 -4.32
N GLY B 307 0.68 -22.72 -5.32
CA GLY B 307 -0.44 -23.65 -5.36
C GLY B 307 -1.10 -24.05 -4.05
N GLU B 308 -1.21 -23.12 -3.10
CA GLU B 308 -1.81 -23.42 -1.82
C GLU B 308 -2.23 -22.13 -1.15
N LYS B 309 -3.32 -22.16 -0.39
CA LYS B 309 -3.78 -20.98 0.31
C LYS B 309 -3.59 -21.19 1.81
N PRO B 310 -2.57 -20.56 2.40
CA PRO B 310 -2.33 -20.72 3.83
C PRO B 310 -3.49 -20.18 4.63
N PRO B 311 -3.68 -20.64 5.86
CA PRO B 311 -4.79 -20.13 6.69
C PRO B 311 -4.48 -18.68 7.10
N PHE B 312 -5.23 -17.73 6.55
CA PHE B 312 -4.98 -16.32 6.83
C PHE B 312 -4.85 -15.95 8.29
N ALA B 313 -5.75 -16.48 9.13
CA ALA B 313 -5.68 -16.18 10.55
C ALA B 313 -4.30 -16.59 11.10
N GLU B 314 -3.79 -17.71 10.61
CA GLU B 314 -2.50 -18.21 11.05
C GLU B 314 -1.29 -17.34 10.67
N VAL B 315 -1.31 -16.73 9.50
CA VAL B 315 -0.17 -15.90 9.12
C VAL B 315 -0.28 -14.52 9.75
N LEU B 316 -1.49 -14.00 9.89
CA LEU B 316 -1.67 -12.70 10.51
C LEU B 316 -1.35 -12.75 12.01
N LYS B 317 -1.24 -13.96 12.56
CA LYS B 317 -0.92 -14.14 13.97
C LYS B 317 0.51 -13.67 14.26
N VAL B 318 1.39 -13.81 13.26
CA VAL B 318 2.78 -13.42 13.44
C VAL B 318 3.05 -11.94 13.11
N GLU B 319 3.69 -11.27 14.05
CA GLU B 319 4.00 -9.86 13.94
C GLU B 319 5.03 -9.60 12.85
N GLY B 320 4.86 -8.48 12.16
CA GLY B 320 5.77 -8.13 11.08
C GLY B 320 5.47 -8.89 9.81
N ALA B 321 4.43 -9.71 9.83
CA ALA B 321 4.06 -10.50 8.68
C ALA B 321 3.04 -9.74 7.84
N HIS B 322 3.32 -9.54 6.55
CA HIS B 322 2.39 -8.84 5.67
C HIS B 322 1.90 -9.77 4.56
N LEU B 323 0.61 -10.11 4.62
CA LEU B 323 0.02 -11.02 3.65
C LEU B 323 -0.38 -10.32 2.34
N HIS B 324 -0.18 -11.02 1.24
CA HIS B 324 -0.53 -10.50 -0.09
C HIS B 324 -1.13 -11.62 -0.91
N TRP B 325 -2.45 -11.65 -0.99
CA TRP B 325 -3.15 -12.68 -1.75
C TRP B 325 -3.50 -12.03 -3.09
N TYR B 326 -3.11 -12.66 -4.19
CA TYR B 326 -3.34 -12.07 -5.50
C TYR B 326 -4.74 -12.13 -6.09
N GLY B 327 -5.61 -12.97 -5.52
CA GLY B 327 -6.96 -13.08 -6.04
C GLY B 327 -7.11 -14.11 -7.13
N LYS B 328 -6.05 -14.87 -7.37
CA LYS B 328 -6.11 -15.89 -8.41
C LYS B 328 -6.64 -17.19 -7.82
N ALA B 329 -7.15 -18.05 -8.70
CA ALA B 329 -7.68 -19.35 -8.28
C ALA B 329 -6.47 -20.20 -7.96
N VAL B 330 -6.51 -20.93 -6.85
CA VAL B 330 -5.38 -21.77 -6.50
C VAL B 330 -5.29 -22.95 -7.46
N ARG B 331 -4.07 -23.30 -7.82
CA ARG B 331 -3.80 -24.37 -8.75
C ARG B 331 -2.34 -24.75 -8.55
N PRO B 332 -1.99 -26.02 -8.79
CA PRO B 332 -0.61 -26.48 -8.62
C PRO B 332 0.44 -25.68 -9.37
N GLY B 333 1.52 -25.33 -8.67
CA GLY B 333 2.60 -24.57 -9.27
C GLY B 333 2.31 -23.09 -9.50
N ARG B 334 1.04 -22.71 -9.41
CA ARG B 334 0.61 -21.33 -9.63
C ARG B 334 1.03 -20.39 -8.50
N LYS B 335 1.49 -19.19 -8.84
CA LYS B 335 1.88 -18.21 -7.82
C LYS B 335 0.59 -17.51 -7.42
N VAL B 336 0.12 -17.78 -6.21
CA VAL B 336 -1.14 -17.20 -5.75
C VAL B 336 -1.01 -16.13 -4.69
N GLY B 337 0.21 -15.80 -4.29
CA GLY B 337 0.39 -14.77 -3.30
C GLY B 337 1.77 -14.77 -2.73
N HIS B 338 1.97 -14.00 -1.66
CA HIS B 338 3.25 -13.98 -0.99
C HIS B 338 3.08 -13.35 0.40
N ILE B 339 4.13 -13.45 1.20
CA ILE B 339 4.13 -12.92 2.55
C ILE B 339 5.47 -12.27 2.83
N THR B 340 5.44 -10.97 3.10
CA THR B 340 6.67 -10.30 3.42
C THR B 340 6.73 -10.07 4.90
N LEU B 341 7.79 -10.59 5.50
CA LEU B 341 8.01 -10.48 6.93
C LEU B 341 9.17 -9.53 7.10
N ARG B 342 8.94 -8.42 7.80
CA ARG B 342 10.02 -7.49 8.04
C ARG B 342 10.11 -7.11 9.52
N ARG B 343 11.27 -7.36 10.09
CA ARG B 343 11.54 -7.06 11.50
C ARG B 343 12.81 -6.20 11.49
N ASP B 344 13.15 -5.60 12.63
CA ASP B 344 14.33 -4.77 12.68
C ASP B 344 15.57 -5.45 13.26
N GLY B 345 15.49 -6.78 13.38
CA GLY B 345 16.61 -7.54 13.90
C GLY B 345 16.64 -8.92 13.31
N LEU B 346 17.81 -9.37 12.87
CA LEU B 346 17.94 -10.69 12.25
C LEU B 346 17.40 -11.82 13.12
N LYS B 347 17.51 -11.69 14.43
CA LYS B 347 17.00 -12.73 15.32
C LYS B 347 15.48 -12.83 15.15
N ALA B 348 14.81 -11.70 15.32
CA ALA B 348 13.36 -11.65 15.17
C ALA B 348 12.95 -12.19 13.80
N LEU B 349 13.68 -11.76 12.78
CA LEU B 349 13.44 -12.18 11.41
C LEU B 349 13.40 -13.70 11.34
N GLU B 350 14.41 -14.34 11.90
CA GLU B 350 14.49 -15.80 11.88
C GLU B 350 13.40 -16.47 12.71
N GLU B 351 12.95 -15.80 13.77
CA GLU B 351 11.90 -16.38 14.60
C GLU B 351 10.61 -16.43 13.80
N GLY B 352 10.30 -15.33 13.13
CA GLY B 352 9.10 -15.26 12.31
C GLY B 352 9.12 -16.28 11.19
N LEU B 353 10.19 -16.29 10.41
CA LEU B 353 10.30 -17.24 9.30
C LEU B 353 10.02 -18.65 9.79
N ALA B 354 10.52 -18.95 10.98
CA ALA B 354 10.33 -20.26 11.59
C ALA B 354 8.84 -20.56 11.77
N ARG B 355 8.08 -19.59 12.28
CA ARG B 355 6.66 -19.82 12.49
C ARG B 355 5.87 -19.87 11.19
N LEU B 356 6.31 -19.12 10.19
CA LEU B 356 5.63 -19.10 8.90
C LEU B 356 5.99 -20.34 8.08
N SER B 357 7.25 -20.77 8.18
CA SER B 357 7.70 -21.94 7.43
C SER B 357 6.88 -23.19 7.73
N ARG B 358 6.07 -23.13 8.79
CA ARG B 358 5.23 -24.27 9.16
C ARG B 358 3.90 -24.16 8.44
N LEU B 359 3.64 -22.97 7.89
CA LEU B 359 2.38 -22.71 7.19
C LEU B 359 2.50 -22.88 5.69
N VAL B 360 3.72 -22.82 5.17
CA VAL B 360 3.95 -22.97 3.74
C VAL B 360 4.74 -24.23 3.42
N SER B 361 4.29 -24.97 2.42
CA SER B 361 5.00 -26.18 2.03
C SER B 361 6.07 -25.91 0.99
N GLU B 362 6.98 -26.86 0.85
CA GLU B 362 8.08 -26.78 -0.12
C GLU B 362 9.02 -25.59 -0.04
N LEU B 363 9.28 -25.06 1.16
CA LEU B 363 10.25 -23.97 1.22
C LEU B 363 11.52 -24.41 1.95
N PRO B 364 12.67 -24.18 1.31
CA PRO B 364 14.00 -24.53 1.86
C PRO B 364 14.42 -23.61 3.00
N TRP B 365 13.79 -23.77 4.15
CA TRP B 365 14.16 -22.93 5.27
C TRP B 365 14.96 -23.64 6.35
N GLU B 366 16.03 -22.98 6.77
CA GLU B 366 16.94 -23.46 7.81
C GLU B 366 17.38 -24.89 7.56
P AMP C . -15.37 20.50 15.59
O1P AMP C . -14.79 19.34 14.86
O2P AMP C . -15.43 20.17 17.16
O3P AMP C . -16.85 20.78 15.03
O5' AMP C . -14.46 21.82 15.33
C5' AMP C . -13.15 21.59 15.86
C4' AMP C . -12.36 22.91 15.89
O4' AMP C . -12.95 23.87 16.82
C3' AMP C . -10.89 22.69 16.34
O3' AMP C . -10.00 23.48 15.54
C2' AMP C . -10.87 23.09 17.82
O2' AMP C . -9.63 23.73 18.16
C1' AMP C . -12.08 24.03 18.00
N9 AMP C . -12.82 23.70 19.24
C8 AMP C . -13.87 22.82 19.35
N7 AMP C . -14.29 22.77 20.59
C5 AMP C . -13.55 23.60 21.34
C6 AMP C . -13.53 23.97 22.72
N6 AMP C . -14.44 23.41 23.61
N1 AMP C . -12.63 24.87 23.14
C2 AMP C . -11.74 25.43 22.30
N3 AMP C . -11.72 25.12 21.00
C4 AMP C . -12.60 24.22 20.49
CL CL D . -15.04 11.50 -3.04
P AMP E . 15.93 -20.48 -15.44
O1P AMP E . 15.46 -19.18 -14.89
O2P AMP E . 17.46 -20.31 -15.96
O3P AMP E . 14.99 -20.93 -16.67
O5' AMP E . 15.88 -21.63 -14.29
C5' AMP E . 16.71 -21.22 -13.20
C4' AMP E . 16.98 -22.44 -12.28
O4' AMP E . 17.93 -23.36 -12.90
C3' AMP E . 17.57 -22.00 -10.93
O3' AMP E . 16.97 -22.72 -9.86
C2' AMP E . 19.08 -22.27 -11.05
O2' AMP E . 19.61 -22.76 -9.82
C1' AMP E . 19.22 -23.29 -12.19
N9 AMP E . 20.30 -22.89 -13.12
C8 AMP E . 20.18 -22.11 -14.25
N7 AMP E . 21.33 -21.95 -14.83
C5 AMP E . 22.28 -22.61 -14.12
C6 AMP E . 23.69 -22.80 -14.26
N6 AMP E . 24.37 -22.22 -15.32
N1 AMP E . 24.33 -23.54 -13.34
C2 AMP E . 23.69 -24.10 -12.31
N3 AMP E . 22.37 -23.95 -12.14
C4 AMP E . 21.63 -23.22 -13.02
CL CL F . -3.58 -13.56 -13.26
CL CL G . 3.46 -1.02 -3.53
#